data_7PEW
#
_entry.id   7PEW
#
_cell.length_a   1.00
_cell.length_b   1.00
_cell.length_c   1.00
_cell.angle_alpha   90.00
_cell.angle_beta   90.00
_cell.angle_gamma   90.00
#
_symmetry.space_group_name_H-M   'P 1'
#
loop_
_entity.id
_entity.type
_entity.pdbx_description
1 polymer 'Histone H3.2'
2 polymer 'Histone H4'
3 polymer 'Histone H2A type 1-B/E'
4 polymer 'Histone H2B type 1-K'
5 polymer 'DNA (176-MER)'
6 polymer 'DNA (176-MER)'
#
loop_
_entity_poly.entity_id
_entity_poly.type
_entity_poly.pdbx_seq_one_letter_code
_entity_poly.pdbx_strand_id
1 'polypeptide(L)'
;MARTKQTARKSTGGKAPRKQLATKAARKSAPATGGVKKPHRYRPGTVALREIRRYQKSTELLIRKLPFQRLVREIAQDFK
TDLRFQSSAVMALQEASEAYLVGLFEDTNLAAIHAKRVTIMPKDIQLARRIRGERA
;
A,E
2 'polypeptide(L)'
;MSGRGKGGKGLGKGGAKRHRKVLRDNIQGITKPAIRRLARRGGVKRISGLIYEETRGVLKVFLENVIRDAVTYTEHAKRK
TVTAMDVVYALKRQGRTLYGFGG
;
B,F
3 'polypeptide(L)'
;HHHHHHENLYFQSNAPWMSGRGKQGGKARAKAKTRSSRAGLQFPVGRVHRLLRKGNYSERVGAGAPVYLAAVLEYLTAEI
LELAGNAARDNKKTRIIPRHLQLAIRNDEELNKLLGRVTIAQGGVLPNIQAVLLPKKTESHHKAKGK
;
C,G
4 'polypeptide(L)'
;MPEPAKSAPAPKKGSKKAVTKAQKKDGKKRKRSRKESYSVYVYKVLKQVHPDTGISSKAMGIMNSFVNDIFERIAGEASR
LAHYNKRSTITSREIQTAVRLLLPGELAKHAVSEGTKAVTKYTSAK
;
D,H
5 'polydeoxyribonucleotide'
;(DG)(DC)(DT)(DC)(DG)(DG)(DG)(DT)(DC)(DC)(DG)(DG)(DC)(DA)(DC)(DT)(DG)(DG)(DA)(DA)
(DC)(DA)(DG)(DG)(DA)(DT)(DG)(DT)(DA)(DT)(DA)(DT)(DA)(DT)(DG)(DT)(DG)(DA)(DC)(DA)
(DC)(DG)(DT)(DG)(DC)(DC)(DT)(DG)(DG)(DA)(DG)(DA)(DC)(DT)(DA)(DG)(DG)(DG)(DA)(DG)
(DT)(DA)(DA)(DT)(DC)(DC)(DC)(DC)(DT)(DT)(DG)(DG)(DC)(DG)(DG)(DT)(DT)(DA)(DA)(DA)
(DA)(DC)(DG)(DC)(DG)(DG)(DG)(DG)(DG)(DA)(DC)(DA)(DG)(DC)(DG)(DC)(DG)(DT)(DA)(DC)
(DG)(DT)(DG)(DC)(DG)(DT)(DT)(DT)(DA)(DA)(DG)(DC)(DG)(DG)(DT)(DG)(DC)(DT)(DA)(DG)
(DA)(DG)(DC)(DT)(DG)(DT)(DC)(DT)(DA)(DC)(DG)(DA)(DC)(DC)(DA)(DA)(DT)(DT)(DG)(DA)
(DG)(DC)(DG)(DG)(DC)(DC)(DT)(DC)(DG)(DG)(DC)(DA)(DC)(DC)(DG)(DG)(DG)(DA)(DT)(DT)
(DC)(DT)(DC)(DC)(DA)(DG)(DG)(DG)(DG)(DA)(DT)(DC)(DC)(DG)(DG)(DA)
;
J
6 'polydeoxyribonucleotide'
;(DT)(DC)(DC)(DG)(DG)(DA)(DT)(DC)(DC)(DC)(DC)(DT)(DG)(DG)(DA)(DG)(DA)(DA)(DT)(DC)
(DC)(DC)(DG)(DG)(DT)(DG)(DC)(DC)(DG)(DA)(DG)(DG)(DC)(DC)(DG)(DC)(DT)(DC)(DA)(DA)
(DT)(DT)(DG)(DG)(DT)(DC)(DG)(DT)(DA)(DG)(DA)(DC)(DA)(DG)(DC)(DT)(DC)(DT)(DA)(DG)
(DC)(DA)(DC)(DC)(DG)(DC)(DT)(DT)(DA)(DA)(DA)(DC)(DG)(DC)(DA)(DC)(DG)(DT)(DA)(DC)
(DG)(DC)(DG)(DC)(DT)(DG)(DT)(DC)(DC)(DC)(DC)(DC)(DG)(DC)(DG)(DT)(DT)(DT)(DT)(DA)
(DA)(DC)(DC)(DG)(DC)(DC)(DA)(DA)(DG)(DG)(DG)(DG)(DA)(DT)(DT)(DA)(DC)(DT)(DC)(DC)
(DC)(DT)(DA)(DG)(DT)(DC)(DT)(DC)(DC)(DA)(DG)(DG)(DC)(DA)(DC)(DG)(DT)(DG)(DT)(DC)
(DA)(DC)(DA)(DT)(DA)(DT)(DA)(DT)(DA)(DC)(DA)(DT)(DC)(DC)(DT)(DG)(DT)(DT)(DC)(DC)
(DA)(DG)(DT)(DG)(DC)(DC)(DG)(DG)(DA)(DC)(DC)(DC)(DG)(DA)(DG)(DC)
;
I
#
loop_
_chem_comp.id
_chem_comp.type
_chem_comp.name
_chem_comp.formula
DA DNA linking 2'-DEOXYADENOSINE-5'-MONOPHOSPHATE 'C10 H14 N5 O6 P'
DC DNA linking 2'-DEOXYCYTIDINE-5'-MONOPHOSPHATE 'C9 H14 N3 O7 P'
DG DNA linking 2'-DEOXYGUANOSINE-5'-MONOPHOSPHATE 'C10 H14 N5 O7 P'
DT DNA linking THYMIDINE-5'-MONOPHOSPHATE 'C10 H15 N2 O8 P'
#
# COMPACT_ATOMS: atom_id res chain seq x y z
N LYS A 38 33.83 16.91 -44.86
CA LYS A 38 32.96 15.82 -44.43
C LYS A 38 32.13 16.33 -43.25
N PRO A 39 30.83 16.09 -43.28
CA PRO A 39 29.94 16.69 -42.27
C PRO A 39 30.13 16.07 -40.89
N HIS A 40 29.74 16.85 -39.88
CA HIS A 40 29.80 16.38 -38.51
C HIS A 40 28.82 15.23 -38.27
N ARG A 41 29.24 14.31 -37.41
CA ARG A 41 28.34 13.24 -36.96
C ARG A 41 28.81 12.77 -35.59
N TYR A 42 27.94 12.90 -34.59
CA TYR A 42 28.29 12.46 -33.25
C TYR A 42 28.35 10.94 -33.17
N ARG A 43 29.19 10.45 -32.26
CA ARG A 43 29.23 9.02 -31.98
C ARG A 43 27.96 8.59 -31.24
N PRO A 44 27.58 7.30 -31.33
CA PRO A 44 26.38 6.84 -30.63
C PRO A 44 26.47 7.02 -29.12
N GLY A 45 25.36 7.46 -28.54
CA GLY A 45 25.24 7.66 -27.11
C GLY A 45 25.47 9.08 -26.65
N THR A 46 26.26 9.87 -27.39
CA THR A 46 26.53 11.24 -27.00
C THR A 46 25.26 12.09 -27.07
N VAL A 47 24.57 12.03 -28.21
CA VAL A 47 23.29 12.71 -28.37
C VAL A 47 22.29 12.18 -27.36
N ALA A 48 22.28 10.86 -27.15
CA ALA A 48 21.35 10.24 -26.21
C ALA A 48 21.56 10.78 -24.80
N LEU A 49 22.83 10.91 -24.39
CA LEU A 49 23.12 11.51 -23.09
C LEU A 49 22.70 12.97 -23.04
N ARG A 50 22.82 13.67 -24.18
CA ARG A 50 22.41 15.07 -24.20
C ARG A 50 20.90 15.22 -24.00
N GLU A 51 20.09 14.40 -24.68
CA GLU A 51 18.66 14.50 -24.40
C GLU A 51 18.30 13.89 -23.06
N ILE A 52 19.13 13.00 -22.51
CA ILE A 52 18.93 12.53 -21.14
C ILE A 52 19.02 13.70 -20.18
N ARG A 53 20.08 14.50 -20.32
CA ARG A 53 20.24 15.69 -19.48
C ARG A 53 19.13 16.70 -19.73
N ARG A 54 18.73 16.85 -21.00
CA ARG A 54 17.68 17.81 -21.35
C ARG A 54 16.35 17.45 -20.72
N TYR A 55 15.92 16.20 -20.89
CA TYR A 55 14.62 15.79 -20.38
C TYR A 55 14.63 15.59 -18.87
N GLN A 56 15.77 15.27 -18.26
CA GLN A 56 15.85 15.30 -16.81
C GLN A 56 15.75 16.72 -16.28
N LYS A 57 16.33 17.69 -16.97
CA LYS A 57 16.19 19.08 -16.55
C LYS A 57 14.77 19.58 -16.75
N SER A 58 14.16 19.23 -17.88
CA SER A 58 12.83 19.71 -18.20
C SER A 58 11.78 18.89 -17.45
N THR A 59 10.56 19.45 -17.38
CA THR A 59 9.43 18.76 -16.76
C THR A 59 8.24 18.60 -17.68
N GLU A 60 8.29 19.13 -18.90
CA GLU A 60 7.12 19.18 -19.76
C GLU A 60 6.74 17.79 -20.27
N LEU A 61 5.47 17.64 -20.62
CA LEU A 61 4.91 16.33 -20.95
C LEU A 61 5.40 15.80 -22.28
N LEU A 62 5.88 14.56 -22.26
CA LEU A 62 6.53 13.96 -23.41
C LEU A 62 5.55 13.29 -24.36
N ILE A 63 4.29 13.17 -23.97
CA ILE A 63 3.26 12.56 -24.81
C ILE A 63 2.41 13.66 -25.41
N ARG A 64 2.14 13.54 -26.72
CA ARG A 64 1.25 14.46 -27.40
C ARG A 64 -0.15 14.34 -26.80
N LYS A 65 -0.80 15.48 -26.55
CA LYS A 65 -2.04 15.49 -25.79
C LYS A 65 -3.21 14.92 -26.59
N LEU A 66 -3.33 15.32 -27.86
CA LEU A 66 -4.51 14.92 -28.64
C LEU A 66 -4.61 13.41 -28.88
N PRO A 67 -3.58 12.69 -29.37
CA PRO A 67 -3.75 11.25 -29.52
C PRO A 67 -3.88 10.53 -28.20
N PHE A 68 -3.27 11.07 -27.14
CA PHE A 68 -3.35 10.43 -25.84
C PHE A 68 -4.77 10.51 -25.29
N GLN A 69 -5.41 11.68 -25.38
CA GLN A 69 -6.78 11.80 -24.92
C GLN A 69 -7.73 11.03 -25.84
N ARG A 70 -7.37 10.91 -27.12
CA ARG A 70 -8.16 10.08 -28.02
C ARG A 70 -8.12 8.62 -27.59
N LEU A 71 -6.94 8.13 -27.23
CA LEU A 71 -6.82 6.75 -26.73
C LEU A 71 -7.55 6.59 -25.40
N VAL A 72 -7.52 7.62 -24.55
CA VAL A 72 -8.21 7.55 -23.27
C VAL A 72 -9.72 7.43 -23.49
N ARG A 73 -10.26 8.26 -24.39
CA ARG A 73 -11.67 8.16 -24.73
C ARG A 73 -12.01 6.81 -25.34
N GLU A 74 -11.12 6.29 -26.18
CA GLU A 74 -11.34 5.00 -26.84
C GLU A 74 -11.42 3.86 -25.83
N ILE A 75 -10.47 3.81 -24.90
CA ILE A 75 -10.47 2.74 -23.90
C ILE A 75 -11.63 2.91 -22.94
N ALA A 76 -11.93 4.14 -22.54
CA ALA A 76 -13.02 4.39 -21.61
C ALA A 76 -14.37 4.05 -22.22
N GLN A 77 -14.48 4.13 -23.56
CA GLN A 77 -15.71 3.76 -24.24
C GLN A 77 -16.04 2.28 -24.05
N ASP A 78 -15.02 1.44 -23.94
CA ASP A 78 -15.26 0.01 -23.74
C ASP A 78 -15.85 -0.32 -22.38
N PHE A 79 -15.76 0.59 -21.41
CA PHE A 79 -16.34 0.36 -20.10
C PHE A 79 -17.71 1.01 -19.94
N LYS A 80 -17.91 2.16 -20.57
CA LYS A 80 -19.18 2.87 -20.49
C LYS A 80 -19.30 3.76 -21.70
N THR A 81 -20.51 3.81 -22.27
CA THR A 81 -20.76 4.68 -23.42
C THR A 81 -21.05 6.10 -22.94
N ASP A 82 -20.95 7.05 -23.89
CA ASP A 82 -21.25 8.46 -23.73
C ASP A 82 -20.44 9.12 -22.61
N LEU A 83 -19.16 8.79 -22.49
CA LEU A 83 -18.34 9.42 -21.47
C LEU A 83 -17.78 10.74 -21.95
N ARG A 84 -17.75 11.72 -21.04
CA ARG A 84 -17.14 13.01 -21.28
C ARG A 84 -16.03 13.21 -20.26
N PHE A 85 -15.07 14.05 -20.63
CA PHE A 85 -13.85 14.19 -19.85
C PHE A 85 -13.57 15.65 -19.52
N GLN A 86 -13.34 15.92 -18.25
CA GLN A 86 -12.69 17.17 -17.88
C GLN A 86 -11.25 17.11 -18.36
N SER A 87 -10.75 18.23 -18.89
CA SER A 87 -9.40 18.24 -19.44
C SER A 87 -8.36 18.00 -18.35
N SER A 88 -8.56 18.61 -17.18
CA SER A 88 -7.62 18.44 -16.09
C SER A 88 -7.57 16.99 -15.62
N ALA A 89 -8.67 16.26 -15.77
CA ALA A 89 -8.63 14.82 -15.54
C ALA A 89 -7.69 14.12 -16.51
N VAL A 90 -7.74 14.53 -17.78
CA VAL A 90 -6.88 13.93 -18.79
C VAL A 90 -5.42 14.22 -18.49
N MET A 91 -5.11 15.46 -18.09
CA MET A 91 -3.74 15.75 -17.72
C MET A 91 -3.33 15.06 -16.41
N ALA A 92 -4.25 14.92 -15.45
CA ALA A 92 -3.89 14.23 -14.21
C ALA A 92 -3.52 12.78 -14.47
N LEU A 93 -4.33 12.10 -15.27
CA LEU A 93 -3.98 10.72 -15.63
C LEU A 93 -2.82 10.70 -16.63
N GLN A 94 -2.57 11.83 -17.32
CA GLN A 94 -1.34 11.95 -18.10
C GLN A 94 -0.10 11.81 -17.23
N GLU A 95 0.15 12.76 -16.29
CA GLU A 95 1.32 12.57 -15.41
C GLU A 95 1.26 11.29 -14.59
N ALA A 96 0.08 10.72 -14.36
CA ALA A 96 0.05 9.34 -13.88
C ALA A 96 0.73 8.39 -14.87
N SER A 97 0.46 8.58 -16.16
CA SER A 97 1.05 7.70 -17.18
C SER A 97 2.56 7.89 -17.26
N GLU A 98 3.03 9.16 -17.30
CA GLU A 98 4.48 9.34 -17.33
C GLU A 98 5.12 8.90 -16.04
N ALA A 99 4.44 9.01 -14.90
CA ALA A 99 5.01 8.55 -13.64
C ALA A 99 5.22 7.05 -13.64
N TYR A 100 4.18 6.31 -14.01
CA TYR A 100 4.27 4.85 -14.03
C TYR A 100 5.30 4.39 -15.04
N LEU A 101 5.29 5.00 -16.24
CA LEU A 101 6.28 4.66 -17.26
C LEU A 101 7.69 4.97 -16.81
N VAL A 102 7.93 6.16 -16.26
CA VAL A 102 9.31 6.53 -15.95
C VAL A 102 9.82 5.64 -14.82
N GLY A 103 8.93 5.28 -13.87
CA GLY A 103 9.33 4.40 -12.79
C GLY A 103 9.73 3.03 -13.28
N LEU A 104 8.92 2.45 -14.19
CA LEU A 104 9.34 1.22 -14.84
C LEU A 104 10.62 1.41 -15.64
N PHE A 105 10.91 2.62 -16.09
CA PHE A 105 12.15 2.78 -16.85
C PHE A 105 13.39 2.85 -15.97
N GLU A 106 13.35 3.45 -14.76
CA GLU A 106 14.57 3.32 -13.95
C GLU A 106 14.68 1.91 -13.40
N ASP A 107 13.54 1.26 -13.16
CA ASP A 107 13.58 -0.16 -12.78
C ASP A 107 14.23 -0.99 -13.88
N THR A 108 13.87 -0.71 -15.13
CA THR A 108 14.42 -1.42 -16.26
C THR A 108 15.90 -1.08 -16.44
N ASN A 109 16.28 0.17 -16.16
CA ASN A 109 17.68 0.55 -16.22
C ASN A 109 18.51 -0.20 -15.19
N LEU A 110 18.00 -0.31 -13.97
CA LEU A 110 18.70 -1.07 -12.93
C LEU A 110 18.82 -2.53 -13.31
N ALA A 111 17.75 -3.10 -13.88
CA ALA A 111 17.82 -4.48 -14.36
C ALA A 111 18.84 -4.64 -15.47
N ALA A 112 18.91 -3.67 -16.38
CA ALA A 112 19.80 -3.79 -17.53
C ALA A 112 21.26 -3.64 -17.12
N ILE A 113 21.56 -2.68 -16.23
CA ILE A 113 22.93 -2.53 -15.78
C ILE A 113 23.31 -3.68 -14.87
N HIS A 114 22.31 -4.34 -14.28
CA HIS A 114 22.59 -5.50 -13.44
C HIS A 114 23.06 -6.68 -14.28
N ALA A 115 22.60 -6.76 -15.53
CA ALA A 115 23.04 -7.79 -16.45
C ALA A 115 24.25 -7.35 -17.26
N LYS A 116 24.98 -6.33 -16.80
CA LYS A 116 26.18 -5.80 -17.43
C LYS A 116 25.92 -5.29 -18.84
N ARG A 117 24.69 -4.89 -19.13
CA ARG A 117 24.31 -4.43 -20.45
C ARG A 117 23.83 -2.98 -20.40
N VAL A 118 23.72 -2.38 -21.58
CA VAL A 118 23.26 -1.00 -21.71
C VAL A 118 21.96 -0.90 -22.50
N THR A 119 21.49 -1.99 -23.09
CA THR A 119 20.29 -1.98 -23.91
C THR A 119 19.23 -2.84 -23.26
N ILE A 120 18.02 -2.28 -23.13
CA ILE A 120 16.93 -2.99 -22.47
C ILE A 120 16.19 -3.87 -23.48
N MET A 121 15.60 -4.94 -22.99
CA MET A 121 14.83 -5.93 -23.75
C MET A 121 13.52 -6.17 -23.03
N PRO A 122 12.51 -6.74 -23.72
CA PRO A 122 11.19 -6.93 -23.05
C PRO A 122 11.23 -7.78 -21.79
N LYS A 123 12.17 -8.73 -21.70
CA LYS A 123 12.28 -9.51 -20.47
C LYS A 123 12.70 -8.64 -19.29
N ASP A 124 13.40 -7.53 -19.56
CA ASP A 124 13.75 -6.60 -18.48
C ASP A 124 12.51 -5.96 -17.87
N ILE A 125 11.59 -5.48 -18.72
CA ILE A 125 10.37 -4.86 -18.24
C ILE A 125 9.49 -5.89 -17.56
N GLN A 126 9.39 -7.09 -18.14
CA GLN A 126 8.62 -8.14 -17.51
C GLN A 126 9.20 -8.54 -16.15
N LEU A 127 10.52 -8.55 -16.04
CA LEU A 127 11.18 -8.80 -14.77
C LEU A 127 10.81 -7.71 -13.77
N ALA A 128 10.91 -6.45 -14.18
CA ALA A 128 10.65 -5.34 -13.27
C ALA A 128 9.19 -5.35 -12.79
N ARG A 129 8.26 -5.64 -13.69
CA ARG A 129 6.86 -5.74 -13.31
C ARG A 129 6.62 -6.91 -12.37
N ARG A 130 7.25 -8.06 -12.65
CA ARG A 130 6.98 -9.23 -11.84
C ARG A 130 7.59 -9.09 -10.45
N ILE A 131 8.72 -8.37 -10.34
CA ILE A 131 9.26 -8.06 -9.02
C ILE A 131 8.35 -7.08 -8.31
N ARG A 132 7.86 -6.06 -9.02
CA ARG A 132 6.90 -5.14 -8.44
C ARG A 132 5.55 -5.80 -8.16
N GLY A 133 5.24 -6.89 -8.87
CA GLY A 133 4.07 -7.67 -8.52
C GLY A 133 2.78 -7.27 -9.18
N GLU A 134 2.78 -7.03 -10.49
CA GLU A 134 1.55 -6.69 -11.19
C GLU A 134 1.15 -7.76 -12.19
N LYS B 21 -15.32 10.40 -33.36
CA LYS B 21 -15.98 9.87 -32.17
C LYS B 21 -15.48 8.46 -31.85
N VAL B 22 -15.88 7.49 -32.67
CA VAL B 22 -15.55 6.09 -32.42
C VAL B 22 -14.27 5.76 -33.17
N LEU B 23 -13.26 5.26 -32.43
CA LEU B 23 -11.92 5.05 -32.97
C LEU B 23 -11.45 3.62 -32.73
N ARG B 24 -10.42 3.20 -33.44
CA ARG B 24 -9.96 1.81 -33.46
C ARG B 24 -8.55 1.60 -32.94
N ASP B 25 -7.56 2.32 -33.46
CA ASP B 25 -6.17 1.88 -33.42
C ASP B 25 -5.27 2.91 -32.74
N ASN B 26 -5.70 3.41 -31.60
CA ASN B 26 -4.98 4.49 -30.94
C ASN B 26 -3.89 4.02 -30.00
N ILE B 27 -3.63 2.72 -29.93
CA ILE B 27 -2.47 2.25 -29.18
C ILE B 27 -1.19 2.69 -29.88
N GLN B 28 -1.23 2.84 -31.21
CA GLN B 28 -0.13 3.47 -31.92
C GLN B 28 -0.13 4.97 -31.79
N GLY B 29 -1.17 5.55 -31.18
CA GLY B 29 -1.20 6.98 -30.90
C GLY B 29 -0.13 7.46 -29.94
N ILE B 30 0.44 6.55 -29.14
CA ILE B 30 1.63 6.85 -28.36
C ILE B 30 2.81 6.48 -29.26
N THR B 31 3.43 7.50 -29.84
CA THR B 31 4.44 7.27 -30.87
C THR B 31 5.71 6.68 -30.28
N LYS B 32 6.48 6.04 -31.17
CA LYS B 32 7.78 5.49 -30.78
C LYS B 32 8.76 6.54 -30.23
N PRO B 33 8.98 7.71 -30.86
CA PRO B 33 9.90 8.67 -30.24
C PRO B 33 9.39 9.23 -28.92
N ALA B 34 8.08 9.22 -28.70
CA ALA B 34 7.56 9.57 -27.38
C ALA B 34 8.02 8.57 -26.32
N ILE B 35 8.00 7.29 -26.67
CA ILE B 35 8.50 6.27 -25.76
C ILE B 35 10.01 6.43 -25.57
N ARG B 36 10.72 6.83 -26.63
CA ARG B 36 12.14 7.16 -26.48
C ARG B 36 12.34 8.33 -25.53
N ARG B 37 11.45 9.32 -25.59
CA ARG B 37 11.54 10.45 -24.66
C ARG B 37 11.35 10.01 -23.22
N LEU B 38 10.36 9.14 -22.97
CA LEU B 38 10.18 8.61 -21.62
C LEU B 38 11.38 7.79 -21.16
N ALA B 39 11.99 7.04 -22.08
CA ALA B 39 13.17 6.26 -21.72
C ALA B 39 14.36 7.16 -21.39
N ARG B 40 14.51 8.26 -22.14
CA ARG B 40 15.57 9.21 -21.83
C ARG B 40 15.32 9.92 -20.51
N ARG B 41 14.05 10.20 -20.20
CA ARG B 41 13.73 10.70 -18.86
C ARG B 41 14.00 9.64 -17.81
N GLY B 42 13.81 8.37 -18.16
CA GLY B 42 14.19 7.30 -17.27
C GLY B 42 15.67 6.98 -17.26
N GLY B 43 16.45 7.65 -18.10
CA GLY B 43 17.87 7.42 -18.12
C GLY B 43 18.32 6.23 -18.93
N VAL B 44 17.51 5.78 -19.87
CA VAL B 44 17.89 4.67 -20.74
C VAL B 44 18.85 5.20 -21.80
N LYS B 45 19.97 4.52 -21.96
CA LYS B 45 20.93 4.93 -22.97
C LYS B 45 20.64 4.31 -24.33
N ARG B 46 20.28 3.02 -24.36
CA ARG B 46 19.95 2.35 -25.61
C ARG B 46 18.68 1.55 -25.45
N ILE B 47 17.81 1.63 -26.47
CA ILE B 47 16.47 1.04 -26.42
C ILE B 47 16.38 0.03 -27.56
N SER B 48 15.88 -1.16 -27.26
CA SER B 48 15.62 -2.11 -28.34
C SER B 48 14.38 -1.70 -29.11
N GLY B 49 14.32 -2.14 -30.37
CA GLY B 49 13.17 -1.81 -31.20
C GLY B 49 11.90 -2.54 -30.80
N LEU B 50 12.04 -3.65 -30.07
CA LEU B 50 10.87 -4.40 -29.64
C LEU B 50 10.16 -3.72 -28.50
N ILE B 51 10.83 -2.79 -27.81
CA ILE B 51 10.41 -2.30 -26.49
C ILE B 51 9.07 -1.59 -26.56
N TYR B 52 8.84 -0.84 -27.64
CA TYR B 52 7.69 0.06 -27.73
C TYR B 52 6.37 -0.71 -27.65
N GLU B 53 6.38 -1.96 -28.14
CA GLU B 53 5.15 -2.76 -28.13
C GLU B 53 4.72 -3.12 -26.71
N GLU B 54 5.63 -3.64 -25.88
CA GLU B 54 5.19 -4.04 -24.56
C GLU B 54 4.99 -2.82 -23.66
N THR B 55 5.72 -1.73 -23.93
CA THR B 55 5.38 -0.50 -23.21
C THR B 55 3.98 -0.01 -23.57
N ARG B 56 3.58 -0.13 -24.83
CA ARG B 56 2.20 0.18 -25.20
C ARG B 56 1.22 -0.73 -24.48
N GLY B 57 1.54 -2.02 -24.38
CA GLY B 57 0.67 -2.94 -23.67
C GLY B 57 0.56 -2.63 -22.19
N VAL B 58 1.69 -2.36 -21.54
CA VAL B 58 1.71 -2.06 -20.11
C VAL B 58 1.00 -0.75 -19.82
N LEU B 59 1.22 0.25 -20.68
CA LEU B 59 0.46 1.49 -20.59
C LEU B 59 -1.03 1.24 -20.73
N LYS B 60 -1.43 0.39 -21.67
CA LYS B 60 -2.84 0.08 -21.87
C LYS B 60 -3.44 -0.58 -20.65
N VAL B 61 -2.70 -1.52 -20.05
CA VAL B 61 -3.19 -2.22 -18.86
C VAL B 61 -3.33 -1.24 -17.70
N PHE B 62 -2.33 -0.39 -17.51
CA PHE B 62 -2.34 0.54 -16.39
C PHE B 62 -3.46 1.57 -16.53
N LEU B 63 -3.59 2.15 -17.72
CA LEU B 63 -4.66 3.12 -17.93
C LEU B 63 -6.01 2.46 -17.87
N GLU B 64 -6.09 1.19 -18.32
CA GLU B 64 -7.34 0.45 -18.26
C GLU B 64 -7.79 0.23 -16.83
N ASN B 65 -6.86 -0.14 -15.95
CA ASN B 65 -7.20 -0.34 -14.54
C ASN B 65 -7.66 0.96 -13.89
N VAL B 66 -6.89 2.04 -14.09
CA VAL B 66 -7.25 3.28 -13.42
C VAL B 66 -8.53 3.86 -14.01
N ILE B 67 -8.80 3.61 -15.30
CA ILE B 67 -9.99 4.18 -15.89
C ILE B 67 -11.20 3.34 -15.53
N ARG B 68 -11.01 2.04 -15.29
CA ARG B 68 -12.10 1.22 -14.76
C ARG B 68 -12.50 1.70 -13.39
N ASP B 69 -11.51 1.99 -12.54
CA ASP B 69 -11.79 2.56 -11.24
C ASP B 69 -12.46 3.92 -11.36
N ALA B 70 -11.99 4.74 -12.29
CA ALA B 70 -12.54 6.08 -12.46
C ALA B 70 -13.99 6.04 -12.93
N VAL B 71 -14.29 5.20 -13.92
CA VAL B 71 -15.67 5.12 -14.39
C VAL B 71 -16.55 4.48 -13.32
N THR B 72 -15.98 3.62 -12.46
CA THR B 72 -16.75 3.12 -11.33
C THR B 72 -17.12 4.24 -10.37
N TYR B 73 -16.16 5.11 -10.06
CA TYR B 73 -16.43 6.24 -9.17
C TYR B 73 -17.47 7.17 -9.75
N THR B 74 -17.32 7.51 -11.04
CA THR B 74 -18.24 8.45 -11.65
C THR B 74 -19.62 7.85 -11.85
N GLU B 75 -19.67 6.54 -12.14
CA GLU B 75 -20.96 5.88 -12.30
C GLU B 75 -21.69 5.82 -10.97
N HIS B 76 -20.96 5.64 -9.87
CA HIS B 76 -21.58 5.82 -8.57
C HIS B 76 -21.98 7.27 -8.35
N ALA B 77 -21.20 8.21 -8.90
CA ALA B 77 -21.50 9.63 -8.74
C ALA B 77 -22.68 10.08 -9.57
N LYS B 78 -23.27 9.20 -10.39
CA LYS B 78 -24.38 9.50 -11.29
C LYS B 78 -24.02 10.59 -12.29
N ARG B 79 -22.77 10.60 -12.74
CA ARG B 79 -22.31 11.59 -13.69
C ARG B 79 -21.93 10.94 -15.02
N LYS B 80 -22.16 11.68 -16.10
CA LYS B 80 -21.69 11.30 -17.42
C LYS B 80 -20.31 11.83 -17.72
N THR B 81 -19.75 12.65 -16.84
CA THR B 81 -18.47 13.30 -17.07
C THR B 81 -17.46 12.76 -16.08
N VAL B 82 -16.30 12.35 -16.58
CA VAL B 82 -15.20 11.94 -15.72
C VAL B 82 -14.53 13.18 -15.17
N THR B 83 -14.45 13.27 -13.84
CA THR B 83 -13.81 14.40 -13.18
C THR B 83 -12.42 14.01 -12.72
N ALA B 84 -11.57 15.03 -12.57
CA ALA B 84 -10.21 14.82 -12.09
C ALA B 84 -10.20 14.31 -10.67
N MET B 85 -11.21 14.69 -9.90
CA MET B 85 -11.25 14.40 -8.46
C MET B 85 -11.31 12.88 -8.26
N ASP B 86 -12.16 12.21 -9.03
CA ASP B 86 -12.30 10.77 -8.94
C ASP B 86 -11.08 10.06 -9.51
N VAL B 87 -10.42 10.68 -10.49
CA VAL B 87 -9.17 10.12 -10.99
C VAL B 87 -8.11 10.15 -9.90
N VAL B 88 -8.09 11.22 -9.12
CA VAL B 88 -7.18 11.30 -7.97
C VAL B 88 -7.48 10.19 -6.98
N TYR B 89 -8.77 9.97 -6.68
CA TYR B 89 -9.15 8.85 -5.82
C TYR B 89 -8.67 7.51 -6.38
N ALA B 90 -8.90 7.29 -7.67
CA ALA B 90 -8.58 6.00 -8.28
C ALA B 90 -7.10 5.71 -8.26
N LEU B 91 -6.28 6.74 -8.51
CA LEU B 91 -4.85 6.55 -8.39
C LEU B 91 -4.42 6.31 -6.95
N LYS B 92 -4.98 7.06 -5.99
CA LYS B 92 -4.38 7.01 -4.67
C LYS B 92 -4.82 5.78 -3.89
N ARG B 93 -5.99 5.21 -4.23
CA ARG B 93 -6.31 3.94 -3.59
C ARG B 93 -5.48 2.82 -4.22
N GLN B 94 -4.97 3.04 -5.42
CA GLN B 94 -4.12 2.09 -6.11
C GLN B 94 -2.67 2.23 -5.67
N GLY B 95 -2.39 3.14 -4.75
CA GLY B 95 -1.04 3.32 -4.25
C GLY B 95 -0.15 4.16 -5.14
N ARG B 96 -0.74 4.99 -5.98
CA ARG B 96 -0.03 5.84 -6.92
C ARG B 96 -0.56 7.26 -6.86
N THR B 97 -0.59 7.81 -5.65
CA THR B 97 -1.17 9.12 -5.37
C THR B 97 -0.51 10.22 -6.20
N LEU B 98 -1.33 11.16 -6.66
CA LEU B 98 -0.86 12.34 -7.37
C LEU B 98 -1.25 13.57 -6.58
N TYR B 99 -0.42 14.60 -6.66
CA TYR B 99 -0.68 15.86 -6.00
C TYR B 99 -0.92 16.96 -7.02
N GLY B 100 -1.68 17.97 -6.62
CA GLY B 100 -1.87 19.15 -7.43
C GLY B 100 -3.18 19.24 -8.17
N PHE B 101 -4.18 18.42 -7.83
CA PHE B 101 -5.45 18.45 -8.55
C PHE B 101 -6.61 18.53 -7.58
N GLY B 102 -6.40 19.27 -6.49
CA GLY B 102 -7.45 19.46 -5.49
C GLY B 102 -7.70 18.29 -4.58
N GLY B 103 -6.92 17.22 -4.70
CA GLY B 103 -7.16 15.98 -3.97
C GLY B 103 -7.00 16.08 -2.46
N ALA C 28 -47.90 -9.38 22.85
CA ALA C 28 -48.52 -9.43 21.53
C ALA C 28 -47.47 -9.26 20.44
N ARG C 29 -46.21 -9.44 20.83
CA ARG C 29 -45.11 -9.33 19.86
C ARG C 29 -45.12 -10.51 18.91
N ALA C 30 -44.62 -10.29 17.71
CA ALA C 30 -44.44 -11.38 16.76
C ALA C 30 -43.29 -12.28 17.19
N LYS C 31 -43.20 -13.42 16.53
CA LYS C 31 -42.09 -14.34 16.77
C LYS C 31 -40.77 -13.70 16.36
N ALA C 32 -39.77 -13.82 17.22
CA ALA C 32 -38.47 -13.19 16.99
C ALA C 32 -37.76 -13.91 15.84
N LYS C 33 -37.82 -13.32 14.66
CA LYS C 33 -37.22 -13.90 13.48
C LYS C 33 -35.91 -13.17 13.19
N THR C 34 -35.05 -13.75 12.36
CA THR C 34 -33.72 -13.22 12.16
C THR C 34 -33.57 -12.72 10.73
N ARG C 35 -32.78 -11.65 10.58
CA ARG C 35 -32.62 -11.01 9.28
C ARG C 35 -31.73 -11.83 8.35
N SER C 36 -30.83 -12.64 8.90
CA SER C 36 -30.03 -13.53 8.07
C SER C 36 -30.91 -14.58 7.40
N SER C 37 -31.87 -15.12 8.14
CA SER C 37 -32.86 -16.01 7.55
C SER C 37 -33.77 -15.26 6.58
N ARG C 38 -34.02 -13.97 6.85
CA ARG C 38 -34.82 -13.17 5.94
C ARG C 38 -34.12 -13.00 4.60
N ALA C 39 -32.80 -12.84 4.62
CA ALA C 39 -32.02 -12.94 3.40
C ALA C 39 -31.80 -14.37 2.97
N GLY C 40 -32.01 -15.33 3.87
CA GLY C 40 -31.67 -16.71 3.58
C GLY C 40 -30.19 -16.98 3.58
N LEU C 41 -29.39 -16.13 4.21
CA LEU C 41 -27.96 -16.31 4.30
C LEU C 41 -27.58 -16.66 5.73
N GLN C 42 -26.36 -17.13 5.91
CA GLN C 42 -25.91 -17.57 7.22
C GLN C 42 -25.12 -16.53 7.99
N PHE C 43 -24.45 -15.60 7.31
CA PHE C 43 -23.68 -14.60 8.02
C PHE C 43 -24.61 -13.61 8.73
N PRO C 44 -24.24 -13.17 9.93
CA PRO C 44 -25.16 -12.40 10.78
C PRO C 44 -25.38 -11.00 10.25
N VAL C 45 -26.64 -10.67 9.99
CA VAL C 45 -26.98 -9.30 9.61
C VAL C 45 -26.82 -8.36 10.79
N GLY C 46 -27.30 -8.77 11.96
CA GLY C 46 -27.27 -7.89 13.12
C GLY C 46 -25.86 -7.60 13.60
N ARG C 47 -24.99 -8.60 13.58
CA ARG C 47 -23.61 -8.40 14.02
C ARG C 47 -22.85 -7.46 13.09
N VAL C 48 -22.99 -7.67 11.78
CA VAL C 48 -22.30 -6.81 10.81
C VAL C 48 -22.88 -5.40 10.87
N HIS C 49 -24.18 -5.29 11.06
CA HIS C 49 -24.82 -4.00 11.23
C HIS C 49 -24.30 -3.26 12.47
N ARG C 50 -24.14 -3.99 13.57
CA ARG C 50 -23.60 -3.39 14.78
C ARG C 50 -22.14 -2.98 14.60
N LEU C 51 -21.36 -3.80 13.88
CA LEU C 51 -19.96 -3.46 13.63
C LEU C 51 -19.83 -2.23 12.75
N LEU C 52 -20.71 -2.10 11.76
CA LEU C 52 -20.70 -0.88 10.94
C LEU C 52 -21.15 0.33 11.74
N ARG C 53 -22.10 0.15 12.66
CA ARG C 53 -22.52 1.26 13.50
C ARG C 53 -21.40 1.71 14.43
N LYS C 54 -20.64 0.77 14.97
CA LYS C 54 -19.60 1.09 15.93
C LYS C 54 -18.21 1.18 15.30
N GLY C 55 -18.06 0.80 14.04
CA GLY C 55 -16.78 0.96 13.38
C GLY C 55 -16.49 2.35 12.87
N ASN C 56 -17.48 3.24 12.99
CA ASN C 56 -17.37 4.64 12.56
C ASN C 56 -17.00 4.77 11.09
N TYR C 57 -17.89 4.29 10.23
CA TYR C 57 -17.76 4.49 8.80
C TYR C 57 -18.81 5.46 8.26
N SER C 58 -19.91 5.61 8.97
CA SER C 58 -20.87 6.68 8.71
C SER C 58 -21.62 6.92 10.01
N GLU C 59 -22.28 8.07 10.08
CA GLU C 59 -23.17 8.33 11.20
C GLU C 59 -24.53 7.69 10.97
N ARG C 60 -24.85 7.39 9.72
CA ARG C 60 -26.16 6.88 9.34
C ARG C 60 -25.94 5.69 8.43
N VAL C 61 -26.65 4.59 8.71
CA VAL C 61 -26.42 3.33 8.01
C VAL C 61 -27.73 2.84 7.39
N GLY C 62 -27.66 2.43 6.12
CA GLY C 62 -28.81 1.90 5.45
C GLY C 62 -29.05 0.43 5.79
N ALA C 63 -30.28 -0.01 5.51
CA ALA C 63 -30.69 -1.35 5.94
C ALA C 63 -30.07 -2.43 5.06
N GLY C 64 -30.05 -2.22 3.75
CA GLY C 64 -29.66 -3.30 2.85
C GLY C 64 -28.17 -3.56 2.72
N ALA C 65 -27.35 -2.57 3.04
CA ALA C 65 -25.90 -2.71 2.91
C ALA C 65 -25.30 -3.82 3.76
N PRO C 66 -25.63 -3.99 5.05
CA PRO C 66 -25.10 -5.16 5.75
C PRO C 66 -25.57 -6.48 5.18
N VAL C 67 -26.79 -6.54 4.65
CA VAL C 67 -27.26 -7.76 3.99
C VAL C 67 -26.40 -8.08 2.78
N TYR C 68 -26.12 -7.04 1.97
CA TYR C 68 -25.26 -7.19 0.81
C TYR C 68 -23.87 -7.66 1.22
N LEU C 69 -23.31 -7.03 2.25
CA LEU C 69 -21.95 -7.33 2.68
C LEU C 69 -21.85 -8.73 3.25
N ALA C 70 -22.86 -9.14 4.02
CA ALA C 70 -22.87 -10.49 4.56
C ALA C 70 -22.96 -11.53 3.46
N ALA C 71 -23.77 -11.26 2.43
CA ALA C 71 -23.84 -12.19 1.31
C ALA C 71 -22.51 -12.30 0.58
N VAL C 72 -21.85 -11.16 0.37
CA VAL C 72 -20.56 -11.15 -0.31
C VAL C 72 -19.52 -11.93 0.49
N LEU C 73 -19.43 -11.67 1.79
CA LEU C 73 -18.45 -12.36 2.61
C LEU C 73 -18.75 -13.85 2.72
N GLU C 74 -20.03 -14.21 2.80
CA GLU C 74 -20.37 -15.62 2.86
C GLU C 74 -20.00 -16.34 1.57
N TYR C 75 -20.19 -15.67 0.43
CA TYR C 75 -19.80 -16.29 -0.83
C TYR C 75 -18.28 -16.40 -0.95
N LEU C 76 -17.56 -15.39 -0.46
CA LEU C 76 -16.09 -15.43 -0.47
C LEU C 76 -15.57 -16.58 0.38
N THR C 77 -16.11 -16.73 1.59
CA THR C 77 -15.74 -17.85 2.44
C THR C 77 -16.12 -19.17 1.80
N ALA C 78 -17.27 -19.21 1.14
CA ALA C 78 -17.72 -20.44 0.50
C ALA C 78 -16.77 -20.87 -0.60
N GLU C 79 -16.35 -19.93 -1.44
CA GLU C 79 -15.51 -20.29 -2.58
C GLU C 79 -14.09 -20.63 -2.12
N ILE C 80 -13.58 -19.92 -1.10
CA ILE C 80 -12.25 -20.25 -0.58
C ILE C 80 -12.27 -21.62 0.11
N LEU C 81 -13.34 -21.90 0.85
CA LEU C 81 -13.46 -23.20 1.50
C LEU C 81 -13.64 -24.32 0.47
N GLU C 82 -14.31 -24.02 -0.65
CA GLU C 82 -14.41 -24.99 -1.74
C GLU C 82 -13.03 -25.31 -2.29
N LEU C 83 -12.22 -24.28 -2.55
CA LEU C 83 -10.88 -24.50 -3.06
C LEU C 83 -10.02 -25.27 -2.07
N ALA C 84 -10.13 -24.92 -0.78
CA ALA C 84 -9.36 -25.60 0.25
C ALA C 84 -9.79 -27.05 0.42
N GLY C 85 -11.10 -27.31 0.38
CA GLY C 85 -11.57 -28.67 0.51
C GLY C 85 -11.19 -29.53 -0.68
N ASN C 86 -11.22 -28.95 -1.88
CA ASN C 86 -10.77 -29.69 -3.06
C ASN C 86 -9.29 -30.00 -2.98
N ALA C 87 -8.49 -29.05 -2.49
CA ALA C 87 -7.07 -29.31 -2.31
C ALA C 87 -6.81 -30.35 -1.23
N ALA C 88 -7.59 -30.32 -0.16
CA ALA C 88 -7.41 -31.26 0.94
C ALA C 88 -7.82 -32.67 0.53
N ARG C 89 -8.89 -32.78 -0.25
CA ARG C 89 -9.27 -34.09 -0.78
C ARG C 89 -8.27 -34.56 -1.82
N ASP C 90 -7.66 -33.62 -2.56
CA ASP C 90 -6.51 -33.95 -3.39
C ASP C 90 -5.32 -34.41 -2.54
N ASN C 91 -5.12 -33.78 -1.39
CA ASN C 91 -4.07 -34.16 -0.47
C ASN C 91 -4.54 -35.23 0.51
N LYS C 92 -5.68 -35.86 0.23
CA LYS C 92 -6.30 -36.97 0.98
C LYS C 92 -6.40 -36.71 2.49
N LYS C 93 -6.53 -35.45 2.88
CA LYS C 93 -6.79 -35.09 4.26
C LYS C 93 -8.22 -34.58 4.38
N THR C 94 -8.94 -35.08 5.39
CA THR C 94 -10.34 -34.75 5.54
C THR C 94 -10.58 -33.54 6.44
N ARG C 95 -9.52 -32.89 6.91
CA ARG C 95 -9.65 -31.66 7.68
C ARG C 95 -8.75 -30.61 7.05
N ILE C 96 -9.27 -29.40 6.89
CA ILE C 96 -8.54 -28.39 6.13
C ILE C 96 -7.38 -27.85 6.96
N ILE C 97 -6.32 -27.46 6.26
CA ILE C 97 -5.03 -27.13 6.87
C ILE C 97 -4.69 -25.72 6.38
N PRO C 98 -3.94 -24.94 7.17
CA PRO C 98 -3.39 -23.68 6.65
C PRO C 98 -2.57 -23.85 5.37
N ARG C 99 -1.84 -24.96 5.23
CA ARG C 99 -1.16 -25.27 3.98
C ARG C 99 -2.15 -25.37 2.83
N HIS C 100 -3.30 -26.01 3.07
CA HIS C 100 -4.33 -26.10 2.04
C HIS C 100 -4.89 -24.73 1.69
N LEU C 101 -5.06 -23.86 2.68
CA LEU C 101 -5.52 -22.51 2.42
C LEU C 101 -4.53 -21.73 1.55
N GLN C 102 -3.24 -21.85 1.87
CA GLN C 102 -2.20 -21.19 1.07
C GLN C 102 -2.16 -21.72 -0.36
N LEU C 103 -2.21 -23.04 -0.51
CA LEU C 103 -2.16 -23.63 -1.85
C LEU C 103 -3.43 -23.30 -2.64
N ALA C 104 -4.55 -23.10 -1.94
CA ALA C 104 -5.77 -22.71 -2.60
C ALA C 104 -5.71 -21.27 -3.10
N ILE C 105 -5.26 -20.34 -2.25
CA ILE C 105 -5.34 -18.94 -2.63
C ILE C 105 -4.22 -18.58 -3.60
N ARG C 106 -3.10 -19.28 -3.53
CA ARG C 106 -2.01 -18.96 -4.47
C ARG C 106 -2.24 -19.57 -5.84
N ASN C 107 -3.11 -20.57 -5.95
CA ASN C 107 -3.35 -21.19 -7.24
C ASN C 107 -4.56 -20.62 -7.97
N ASP C 108 -5.28 -19.69 -7.37
CA ASP C 108 -6.37 -18.98 -8.05
C ASP C 108 -5.90 -17.57 -8.39
N GLU C 109 -6.04 -17.19 -9.65
CA GLU C 109 -5.41 -15.96 -10.13
C GLU C 109 -6.05 -14.72 -9.53
N GLU C 110 -7.38 -14.65 -9.51
CA GLU C 110 -8.05 -13.44 -9.05
C GLU C 110 -7.97 -13.28 -7.54
N LEU C 111 -8.03 -14.39 -6.81
CA LEU C 111 -7.80 -14.31 -5.37
C LEU C 111 -6.36 -13.94 -5.07
N ASN C 112 -5.42 -14.41 -5.90
CA ASN C 112 -4.02 -14.00 -5.74
C ASN C 112 -3.88 -12.50 -5.98
N LYS C 113 -4.64 -11.96 -6.92
CA LYS C 113 -4.68 -10.50 -7.09
C LYS C 113 -5.28 -9.82 -5.87
N LEU C 114 -6.30 -10.44 -5.26
CA LEU C 114 -6.85 -9.89 -4.03
C LEU C 114 -5.88 -10.03 -2.86
N LEU C 115 -5.20 -11.16 -2.76
CA LEU C 115 -4.43 -11.52 -1.57
C LEU C 115 -2.94 -11.65 -1.86
N GLY C 116 -2.39 -10.73 -2.65
CA GLY C 116 -0.98 -10.80 -2.98
C GLY C 116 -0.08 -10.35 -1.84
N ARG C 117 -0.55 -9.41 -1.03
CA ARG C 117 0.29 -8.77 -0.03
C ARG C 117 0.04 -9.29 1.38
N VAL C 118 -0.53 -10.48 1.50
CA VAL C 118 -0.88 -11.02 2.81
C VAL C 118 -0.06 -12.30 3.01
N THR C 119 0.19 -12.64 4.28
CA THR C 119 0.92 -13.85 4.64
C THR C 119 0.01 -14.78 5.41
N ILE C 120 -0.03 -16.05 4.99
CA ILE C 120 -0.77 -17.09 5.70
C ILE C 120 0.16 -17.71 6.73
N ALA C 121 -0.29 -17.76 7.98
CA ALA C 121 0.48 -18.42 9.01
C ALA C 121 0.59 -19.92 8.73
N GLN C 122 1.81 -20.45 8.90
CA GLN C 122 2.12 -21.88 8.76
C GLN C 122 1.77 -22.39 7.35
N GLY C 123 1.92 -21.53 6.34
CA GLY C 123 1.36 -21.84 5.04
C GLY C 123 2.32 -22.42 4.04
N GLY C 124 3.59 -22.01 4.08
CA GLY C 124 4.47 -22.41 3.01
C GLY C 124 4.16 -21.65 1.74
N VAL C 125 4.67 -22.16 0.61
CA VAL C 125 4.49 -21.52 -0.68
C VAL C 125 4.14 -22.56 -1.72
N LEU C 126 3.93 -22.09 -2.95
CA LEU C 126 3.67 -22.97 -4.07
C LEU C 126 4.89 -23.82 -4.39
N PRO C 127 4.72 -25.10 -4.68
CA PRO C 127 5.82 -25.91 -5.23
C PRO C 127 6.16 -25.43 -6.64
N ASN C 128 7.35 -24.86 -6.79
CA ASN C 128 7.75 -24.28 -8.06
C ASN C 128 9.27 -24.25 -8.14
N ILE C 129 9.82 -24.85 -9.19
CA ILE C 129 11.23 -24.75 -9.51
C ILE C 129 11.35 -24.12 -10.89
N GLN C 130 12.35 -23.26 -11.06
CA GLN C 130 12.54 -22.60 -12.34
C GLN C 130 13.15 -23.56 -13.35
N ALA C 131 12.85 -23.34 -14.63
CA ALA C 131 13.23 -24.27 -15.68
C ALA C 131 14.74 -24.36 -15.84
N VAL C 132 15.45 -23.24 -15.72
CA VAL C 132 16.90 -23.28 -15.84
C VAL C 132 17.56 -23.90 -14.63
N LEU C 133 16.87 -23.94 -13.49
CA LEU C 133 17.40 -24.62 -12.31
C LEU C 133 17.33 -26.14 -12.45
N LEU C 134 16.44 -26.64 -13.29
CA LEU C 134 16.35 -28.07 -13.51
C LEU C 134 17.54 -28.55 -14.33
N PRO C 135 18.00 -29.78 -14.10
CA PRO C 135 19.09 -30.32 -14.93
C PRO C 135 18.60 -30.67 -16.32
N LYS C 136 19.56 -30.89 -17.21
CA LYS C 136 19.27 -31.23 -18.59
C LYS C 136 18.66 -32.63 -18.71
N LYS D 31 -17.25 -16.10 35.33
CA LYS D 31 -16.65 -16.67 34.13
C LYS D 31 -15.65 -15.69 33.53
N ARG D 32 -15.76 -15.48 32.23
CA ARG D 32 -14.95 -14.54 31.49
C ARG D 32 -15.89 -13.68 30.65
N SER D 33 -15.46 -12.46 30.33
CA SER D 33 -16.23 -11.62 29.44
C SER D 33 -16.24 -12.23 28.04
N ARG D 34 -17.38 -12.10 27.36
CA ARG D 34 -17.58 -12.79 26.09
C ARG D 34 -16.70 -12.21 24.99
N LYS D 35 -16.07 -13.08 24.22
CA LYS D 35 -15.19 -12.70 23.12
C LYS D 35 -15.81 -13.17 21.81
N GLU D 36 -15.99 -12.24 20.89
CA GLU D 36 -16.70 -12.52 19.65
C GLU D 36 -15.77 -13.21 18.64
N SER D 37 -16.36 -14.07 17.81
CA SER D 37 -15.64 -14.71 16.71
C SER D 37 -16.65 -15.11 15.63
N TYR D 38 -16.11 -15.47 14.47
CA TYR D 38 -16.88 -15.94 13.32
C TYR D 38 -16.81 -17.44 13.11
N SER D 39 -16.61 -18.23 14.15
CA SER D 39 -16.36 -19.66 13.97
C SER D 39 -17.59 -20.38 13.47
N VAL D 40 -18.73 -20.18 14.12
CA VAL D 40 -19.88 -21.03 13.87
C VAL D 40 -20.52 -20.74 12.52
N TYR D 41 -20.48 -19.48 12.06
CA TYR D 41 -21.03 -19.15 10.75
C TYR D 41 -20.24 -19.81 9.64
N VAL D 42 -18.92 -19.73 9.72
CA VAL D 42 -18.06 -20.41 8.75
C VAL D 42 -18.24 -21.91 8.87
N TYR D 43 -18.59 -22.40 10.07
CA TYR D 43 -18.85 -23.83 10.21
C TYR D 43 -20.11 -24.24 9.44
N LYS D 44 -21.19 -23.44 9.52
CA LYS D 44 -22.34 -23.74 8.67
C LYS D 44 -21.98 -23.63 7.19
N VAL D 45 -21.16 -22.64 6.84
CA VAL D 45 -20.77 -22.45 5.43
C VAL D 45 -20.02 -23.67 4.91
N LEU D 46 -19.11 -24.20 5.73
CA LEU D 46 -18.41 -25.44 5.37
C LEU D 46 -19.38 -26.59 5.21
N LYS D 47 -20.30 -26.75 6.17
CA LYS D 47 -21.25 -27.86 6.09
C LYS D 47 -22.20 -27.72 4.90
N GLN D 48 -22.44 -26.50 4.42
CA GLN D 48 -23.15 -26.36 3.16
C GLN D 48 -22.27 -26.76 1.98
N VAL D 49 -21.01 -26.35 1.97
CA VAL D 49 -20.21 -26.60 0.78
C VAL D 49 -19.58 -27.99 0.82
N HIS D 50 -19.28 -28.50 2.01
CA HIS D 50 -18.69 -29.82 2.18
C HIS D 50 -19.15 -30.36 3.52
N PRO D 51 -20.22 -31.15 3.53
CA PRO D 51 -20.73 -31.68 4.81
C PRO D 51 -19.77 -32.63 5.51
N ASP D 52 -18.82 -33.20 4.78
CA ASP D 52 -17.98 -34.29 5.29
C ASP D 52 -16.72 -33.82 6.01
N THR D 53 -16.18 -32.66 5.66
CA THR D 53 -14.84 -32.28 6.11
C THR D 53 -14.91 -31.36 7.32
N GLY D 54 -13.76 -31.23 7.99
CA GLY D 54 -13.62 -30.41 9.16
C GLY D 54 -12.56 -29.33 9.01
N ILE D 55 -12.39 -28.57 10.09
CA ILE D 55 -11.47 -27.44 10.11
C ILE D 55 -10.50 -27.59 11.26
N SER D 56 -9.28 -27.07 11.08
CA SER D 56 -8.38 -26.86 12.19
C SER D 56 -8.60 -25.46 12.76
N SER D 57 -8.31 -25.31 14.06
CA SER D 57 -8.50 -24.01 14.70
C SER D 57 -7.52 -22.97 14.16
N LYS D 58 -6.36 -23.42 13.68
CA LYS D 58 -5.44 -22.53 12.98
C LYS D 58 -6.08 -22.00 11.71
N ALA D 59 -6.72 -22.89 10.94
CA ALA D 59 -7.43 -22.48 9.74
C ALA D 59 -8.57 -21.53 10.08
N MET D 60 -9.20 -21.73 11.24
CA MET D 60 -10.28 -20.82 11.61
C MET D 60 -9.72 -19.45 12.04
N GLY D 61 -8.54 -19.43 12.64
CA GLY D 61 -7.89 -18.16 12.91
C GLY D 61 -7.57 -17.39 11.64
N ILE D 62 -7.10 -18.11 10.62
CA ILE D 62 -6.90 -17.47 9.31
C ILE D 62 -8.22 -16.97 8.73
N MET D 63 -9.30 -17.75 8.90
CA MET D 63 -10.60 -17.30 8.40
C MET D 63 -11.10 -16.05 9.11
N ASN D 64 -10.91 -15.96 10.43
CA ASN D 64 -11.32 -14.76 11.14
C ASN D 64 -10.48 -13.56 10.70
N SER D 65 -9.17 -13.75 10.55
CA SER D 65 -8.31 -12.67 10.06
C SER D 65 -8.72 -12.23 8.66
N PHE D 66 -9.03 -13.20 7.80
CA PHE D 66 -9.46 -12.89 6.44
C PHE D 66 -10.76 -12.11 6.42
N VAL D 67 -11.77 -12.60 7.14
CA VAL D 67 -13.09 -11.98 7.03
C VAL D 67 -13.08 -10.61 7.67
N ASN D 68 -12.36 -10.45 8.78
CA ASN D 68 -12.20 -9.13 9.37
C ASN D 68 -11.43 -8.20 8.44
N ASP D 69 -10.42 -8.73 7.74
CA ASP D 69 -9.63 -7.92 6.82
C ASP D 69 -10.48 -7.43 5.64
N ILE D 70 -11.23 -8.33 5.02
CA ILE D 70 -12.09 -7.96 3.91
C ILE D 70 -13.20 -7.03 4.38
N PHE D 71 -13.72 -7.28 5.57
CA PHE D 71 -14.76 -6.44 6.14
C PHE D 71 -14.28 -5.02 6.35
N GLU D 72 -13.05 -4.86 6.87
CA GLU D 72 -12.56 -3.52 7.13
C GLU D 72 -12.17 -2.83 5.83
N ARG D 73 -11.69 -3.60 4.84
CA ARG D 73 -11.39 -3.01 3.53
C ARG D 73 -12.65 -2.46 2.89
N ILE D 74 -13.72 -3.25 2.85
CA ILE D 74 -14.94 -2.82 2.21
C ILE D 74 -15.60 -1.70 2.99
N ALA D 75 -15.53 -1.76 4.31
CA ALA D 75 -16.11 -0.69 5.13
C ALA D 75 -15.31 0.61 4.99
N GLY D 76 -13.99 0.50 4.84
CA GLY D 76 -13.19 1.69 4.59
C GLY D 76 -13.49 2.31 3.23
N GLU D 77 -13.65 1.47 2.21
CA GLU D 77 -14.07 1.98 0.91
C GLU D 77 -15.45 2.61 0.98
N ALA D 78 -16.35 2.02 1.75
CA ALA D 78 -17.70 2.56 1.92
C ALA D 78 -17.66 3.93 2.58
N SER D 79 -16.88 4.06 3.65
CA SER D 79 -16.73 5.33 4.32
C SER D 79 -16.09 6.36 3.42
N ARG D 80 -15.12 5.91 2.61
CA ARG D 80 -14.44 6.81 1.68
C ARG D 80 -15.42 7.38 0.65
N LEU D 81 -16.22 6.51 0.02
CA LEU D 81 -17.20 6.97 -0.94
C LEU D 81 -18.28 7.83 -0.32
N ALA D 82 -18.72 7.47 0.89
CA ALA D 82 -19.78 8.26 1.54
C ALA D 82 -19.27 9.65 1.91
N HIS D 83 -17.99 9.75 2.28
CA HIS D 83 -17.40 11.05 2.53
C HIS D 83 -17.24 11.85 1.23
N TYR D 84 -16.92 11.15 0.12
CA TYR D 84 -16.63 11.85 -1.12
C TYR D 84 -17.85 12.56 -1.69
N ASN D 85 -18.98 11.86 -1.75
CA ASN D 85 -20.17 12.39 -2.39
C ASN D 85 -21.03 13.21 -1.45
N LYS D 86 -20.50 13.56 -0.27
CA LYS D 86 -21.16 14.42 0.72
C LYS D 86 -22.49 13.82 1.17
N ARG D 87 -22.53 12.50 1.27
CA ARG D 87 -23.72 11.79 1.72
C ARG D 87 -23.51 11.28 3.13
N SER D 88 -24.48 11.60 4.00
CA SER D 88 -24.38 11.25 5.41
C SER D 88 -24.80 9.82 5.70
N THR D 89 -25.40 9.13 4.75
CA THR D 89 -25.85 7.76 4.91
C THR D 89 -24.89 6.83 4.20
N ILE D 90 -24.67 5.65 4.75
CA ILE D 90 -24.08 4.57 3.97
C ILE D 90 -25.22 3.68 3.49
N THR D 91 -25.22 3.36 2.20
CA THR D 91 -26.27 2.58 1.55
C THR D 91 -25.64 1.46 0.76
N SER D 92 -26.48 0.62 0.17
CA SER D 92 -25.98 -0.54 -0.55
C SER D 92 -25.35 -0.15 -1.88
N ARG D 93 -25.74 1.00 -2.46
CA ARG D 93 -25.31 1.37 -3.80
C ARG D 93 -23.80 1.52 -3.88
N GLU D 94 -23.23 2.28 -2.93
CA GLU D 94 -21.80 2.38 -2.86
C GLU D 94 -21.16 1.08 -2.37
N ILE D 95 -21.94 0.18 -1.78
CA ILE D 95 -21.34 -1.11 -1.45
C ILE D 95 -21.10 -1.92 -2.73
N GLN D 96 -22.05 -1.90 -3.69
CA GLN D 96 -21.74 -2.54 -4.98
C GLN D 96 -20.58 -1.82 -5.65
N THR D 97 -20.55 -0.49 -5.53
CA THR D 97 -19.43 0.28 -6.07
C THR D 97 -18.10 -0.17 -5.47
N ALA D 98 -18.07 -0.36 -4.16
CA ALA D 98 -16.84 -0.71 -3.47
C ALA D 98 -16.38 -2.11 -3.82
N VAL D 99 -17.32 -3.07 -3.86
CA VAL D 99 -16.93 -4.45 -4.17
C VAL D 99 -16.55 -4.55 -5.64
N ARG D 100 -17.15 -3.71 -6.49
CA ARG D 100 -16.82 -3.76 -7.91
C ARG D 100 -15.45 -3.15 -8.17
N LEU D 101 -15.10 -2.09 -7.43
CA LEU D 101 -13.78 -1.50 -7.62
C LEU D 101 -12.69 -2.35 -6.99
N LEU D 102 -12.98 -2.98 -5.85
CA LEU D 102 -11.94 -3.68 -5.13
C LEU D 102 -11.78 -5.11 -5.63
N LEU D 103 -12.87 -5.87 -5.67
CA LEU D 103 -12.75 -7.24 -6.18
C LEU D 103 -12.57 -7.24 -7.69
N PRO D 104 -11.71 -8.09 -8.21
CA PRO D 104 -11.50 -8.14 -9.67
C PRO D 104 -12.58 -8.93 -10.39
N GLY D 105 -13.00 -8.38 -11.54
CA GLY D 105 -13.69 -9.08 -12.61
C GLY D 105 -14.87 -9.98 -12.30
N GLU D 106 -14.69 -11.27 -12.62
CA GLU D 106 -15.78 -12.23 -12.47
C GLU D 106 -16.16 -12.43 -11.02
N LEU D 107 -15.19 -12.39 -10.10
CA LEU D 107 -15.52 -12.41 -8.68
C LEU D 107 -16.40 -11.23 -8.31
N ALA D 108 -16.09 -10.06 -8.87
CA ALA D 108 -16.89 -8.87 -8.59
C ALA D 108 -18.31 -9.01 -9.10
N LYS D 109 -18.50 -9.48 -10.34
CA LYS D 109 -19.86 -9.54 -10.87
C LYS D 109 -20.66 -10.69 -10.27
N HIS D 110 -19.98 -11.80 -9.94
CA HIS D 110 -20.64 -12.84 -9.16
C HIS D 110 -21.09 -12.31 -7.82
N ALA D 111 -20.23 -11.53 -7.15
CA ALA D 111 -20.54 -10.95 -5.85
C ALA D 111 -21.75 -10.04 -5.94
N VAL D 112 -21.81 -9.21 -6.99
CA VAL D 112 -22.97 -8.39 -7.25
C VAL D 112 -24.20 -9.26 -7.44
N SER D 113 -24.05 -10.43 -8.06
CA SER D 113 -25.20 -11.31 -8.25
C SER D 113 -25.79 -11.81 -6.92
N GLU D 114 -24.96 -12.39 -6.02
CA GLU D 114 -25.59 -12.93 -4.82
C GLU D 114 -26.09 -11.79 -3.94
N GLY D 115 -25.37 -10.65 -3.97
CA GLY D 115 -25.81 -9.53 -3.17
C GLY D 115 -27.13 -8.96 -3.65
N THR D 116 -27.31 -8.90 -4.97
CA THR D 116 -28.55 -8.41 -5.54
C THR D 116 -29.72 -9.32 -5.17
N LYS D 117 -29.53 -10.64 -5.29
CA LYS D 117 -30.65 -11.53 -4.98
C LYS D 117 -30.93 -11.56 -3.48
N ALA D 118 -29.88 -11.43 -2.66
CA ALA D 118 -30.07 -11.35 -1.21
C ALA D 118 -30.83 -10.09 -0.84
N VAL D 119 -30.56 -8.99 -1.55
CA VAL D 119 -31.32 -7.76 -1.36
C VAL D 119 -32.77 -7.98 -1.75
N THR D 120 -33.02 -8.73 -2.83
CA THR D 120 -34.40 -8.97 -3.25
C THR D 120 -35.18 -9.75 -2.18
N LYS D 121 -34.60 -10.82 -1.62
CA LYS D 121 -35.31 -11.53 -0.56
C LYS D 121 -35.40 -10.72 0.73
N TYR D 122 -34.38 -9.90 1.04
CA TYR D 122 -34.47 -9.10 2.26
C TYR D 122 -35.51 -8.01 2.12
N THR D 123 -35.69 -7.48 0.91
CA THR D 123 -36.70 -6.47 0.65
C THR D 123 -38.09 -7.06 0.77
N SER D 124 -38.28 -8.27 0.25
CA SER D 124 -39.54 -8.98 0.33
C SER D 124 -39.73 -9.70 1.66
N ALA D 125 -38.83 -9.46 2.62
CA ALA D 125 -38.87 -10.03 3.98
C ALA D 125 -38.91 -11.55 3.98
N LYS E 38 33.57 -47.77 -2.67
CA LYS E 38 33.59 -46.33 -2.82
C LYS E 38 32.31 -45.75 -2.20
N PRO E 39 32.48 -44.84 -1.24
CA PRO E 39 31.31 -44.20 -0.63
C PRO E 39 30.58 -43.32 -1.63
N HIS E 40 29.26 -43.40 -1.60
CA HIS E 40 28.44 -42.67 -2.56
C HIS E 40 28.48 -41.17 -2.29
N ARG E 41 28.43 -40.41 -3.37
CA ARG E 41 28.40 -38.95 -3.27
C ARG E 41 27.61 -38.42 -4.47
N TYR E 42 26.57 -37.65 -4.19
CA TYR E 42 25.76 -37.09 -5.25
C TYR E 42 26.49 -35.92 -5.90
N ARG E 43 26.19 -35.67 -7.17
CA ARG E 43 26.71 -34.50 -7.83
C ARG E 43 26.04 -33.23 -7.28
N PRO E 44 26.76 -32.11 -7.26
CA PRO E 44 26.23 -30.89 -6.62
C PRO E 44 24.99 -30.36 -7.32
N GLY E 45 24.09 -29.79 -6.52
CA GLY E 45 22.84 -29.27 -7.01
C GLY E 45 21.70 -30.27 -6.97
N THR E 46 21.99 -31.56 -7.15
CA THR E 46 20.96 -32.58 -7.08
C THR E 46 20.37 -32.66 -5.68
N VAL E 47 21.24 -32.76 -4.67
CA VAL E 47 20.77 -32.72 -3.30
C VAL E 47 20.12 -31.39 -3.00
N ALA E 48 20.71 -30.29 -3.47
CA ALA E 48 20.16 -28.96 -3.21
C ALA E 48 18.75 -28.83 -3.78
N LEU E 49 18.53 -29.35 -4.99
CA LEU E 49 17.17 -29.44 -5.53
C LEU E 49 16.29 -30.31 -4.66
N ARG E 50 16.86 -31.34 -4.05
CA ARG E 50 16.06 -32.17 -3.16
C ARG E 50 15.64 -31.41 -1.90
N GLU E 51 16.50 -30.56 -1.32
CA GLU E 51 15.99 -29.75 -0.21
C GLU E 51 15.02 -28.69 -0.71
N ILE E 52 15.15 -28.23 -1.95
CA ILE E 52 14.15 -27.32 -2.51
C ILE E 52 12.78 -27.97 -2.50
N ARG E 53 12.69 -29.19 -3.03
CA ARG E 53 11.42 -29.92 -3.01
C ARG E 53 10.97 -30.23 -1.59
N ARG E 54 11.92 -30.62 -0.74
CA ARG E 54 11.59 -31.05 0.61
C ARG E 54 11.03 -29.90 1.45
N TYR E 55 11.72 -28.77 1.46
CA TYR E 55 11.26 -27.64 2.23
C TYR E 55 10.15 -26.85 1.54
N GLN E 56 9.95 -27.04 0.24
CA GLN E 56 8.85 -26.36 -0.40
C GLN E 56 7.55 -27.13 -0.26
N LYS E 57 7.62 -28.46 -0.15
CA LYS E 57 6.42 -29.21 0.21
C LYS E 57 6.04 -28.95 1.66
N SER E 58 7.03 -28.88 2.55
CA SER E 58 6.79 -28.72 3.97
C SER E 58 6.55 -27.26 4.31
N THR E 59 5.94 -27.03 5.48
CA THR E 59 5.69 -25.69 5.97
C THR E 59 6.32 -25.41 7.31
N GLU E 60 6.89 -26.41 7.97
CA GLU E 60 7.40 -26.27 9.33
C GLU E 60 8.59 -25.31 9.38
N LEU E 61 8.75 -24.69 10.54
CA LEU E 61 9.50 -23.45 10.64
C LEU E 61 10.99 -23.70 10.55
N LEU E 62 11.69 -22.85 9.80
CA LEU E 62 13.06 -23.12 9.38
C LEU E 62 14.12 -22.63 10.34
N ILE E 63 13.90 -21.56 11.07
CA ILE E 63 14.93 -21.04 11.97
C ILE E 63 14.67 -21.56 13.38
N ARG E 64 15.71 -21.56 14.20
CA ARG E 64 15.56 -21.96 15.59
C ARG E 64 14.83 -20.86 16.35
N LYS E 65 13.79 -21.23 17.10
CA LYS E 65 12.87 -20.22 17.62
C LYS E 65 13.45 -19.49 18.83
N LEU E 66 14.24 -20.16 19.66
CA LEU E 66 14.79 -19.49 20.83
C LEU E 66 15.90 -18.51 20.51
N PRO E 67 16.85 -18.79 19.59
CA PRO E 67 17.73 -17.70 19.13
C PRO E 67 16.97 -16.55 18.50
N PHE E 68 15.86 -16.82 17.81
CA PHE E 68 15.03 -15.73 17.31
C PHE E 68 14.46 -14.92 18.47
N GLN E 69 14.03 -15.58 19.53
CA GLN E 69 13.48 -14.86 20.68
C GLN E 69 14.56 -14.01 21.34
N ARG E 70 15.78 -14.54 21.42
CA ARG E 70 16.91 -13.77 21.92
C ARG E 70 17.16 -12.55 21.05
N LEU E 71 17.09 -12.72 19.73
CA LEU E 71 17.36 -11.60 18.82
C LEU E 71 16.29 -10.53 18.91
N VAL E 72 15.02 -10.94 18.99
CA VAL E 72 13.95 -9.95 19.01
C VAL E 72 13.94 -9.20 20.35
N ARG E 73 14.27 -9.90 21.45
CA ARG E 73 14.41 -9.18 22.72
C ARG E 73 15.60 -8.24 22.68
N GLU E 74 16.69 -8.64 22.02
CA GLU E 74 17.89 -7.81 21.91
C GLU E 74 17.60 -6.53 21.15
N ILE E 75 16.85 -6.63 20.05
CA ILE E 75 16.55 -5.43 19.29
C ILE E 75 15.45 -4.64 19.99
N ALA E 76 14.59 -5.32 20.74
CA ALA E 76 13.47 -4.67 21.41
C ALA E 76 13.94 -3.78 22.54
N GLN E 77 14.93 -4.24 23.31
CA GLN E 77 15.43 -3.40 24.40
C GLN E 77 16.15 -2.16 23.92
N ASP E 78 16.50 -2.10 22.63
CA ASP E 78 17.16 -0.92 22.07
C ASP E 78 16.23 0.28 21.95
N PHE E 79 14.91 0.07 22.00
CA PHE E 79 13.94 1.15 21.99
C PHE E 79 13.46 1.52 23.38
N LYS E 80 13.08 0.51 24.16
CA LYS E 80 12.57 0.72 25.51
C LYS E 80 13.02 -0.47 26.35
N THR E 81 13.32 -0.21 27.61
CA THR E 81 13.84 -1.27 28.46
C THR E 81 12.75 -2.21 28.96
N ASP E 82 13.14 -3.48 29.09
CA ASP E 82 12.44 -4.49 29.89
C ASP E 82 11.04 -4.77 29.35
N LEU E 83 10.92 -5.07 28.06
CA LEU E 83 9.63 -5.45 27.52
C LEU E 83 9.38 -6.94 27.66
N ARG E 84 8.11 -7.30 27.76
CA ARG E 84 7.70 -8.69 27.88
C ARG E 84 6.99 -9.10 26.60
N PHE E 85 7.17 -10.37 26.23
CA PHE E 85 6.69 -10.91 24.98
C PHE E 85 5.73 -12.05 25.22
N GLN E 86 4.61 -12.06 24.49
CA GLN E 86 3.84 -13.28 24.37
C GLN E 86 4.50 -14.17 23.33
N SER E 87 4.53 -15.47 23.61
CA SER E 87 5.19 -16.41 22.70
C SER E 87 4.49 -16.44 21.35
N SER E 88 3.16 -16.28 21.37
CA SER E 88 2.40 -16.21 20.12
C SER E 88 2.81 -15.01 19.28
N ALA E 89 3.05 -13.86 19.92
CA ALA E 89 3.50 -12.68 19.20
C ALA E 89 4.86 -12.90 18.57
N VAL E 90 5.76 -13.57 19.30
CA VAL E 90 7.09 -13.86 18.78
C VAL E 90 7.00 -14.80 17.59
N MET E 91 6.15 -15.84 17.70
CA MET E 91 5.98 -16.76 16.58
C MET E 91 5.35 -16.08 15.37
N ALA E 92 4.41 -15.16 15.61
CA ALA E 92 3.76 -14.46 14.50
C ALA E 92 4.74 -13.53 13.79
N LEU E 93 5.51 -12.77 14.56
CA LEU E 93 6.49 -11.87 13.97
C LEU E 93 7.59 -12.67 13.29
N GLN E 94 7.91 -13.84 13.84
CA GLN E 94 8.82 -14.78 13.20
C GLN E 94 8.31 -15.25 11.86
N GLU E 95 7.01 -15.58 11.79
CA GLU E 95 6.42 -16.03 10.54
C GLU E 95 6.44 -14.92 9.50
N ALA E 96 6.11 -13.69 9.92
CA ALA E 96 6.16 -12.55 9.00
C ALA E 96 7.57 -12.29 8.53
N SER E 97 8.56 -12.47 9.40
CA SER E 97 9.95 -12.28 9.01
C SER E 97 10.37 -13.30 7.97
N GLU E 98 10.01 -14.58 8.18
CA GLU E 98 10.38 -15.58 7.17
C GLU E 98 9.68 -15.33 5.85
N ALA E 99 8.43 -14.85 5.91
CA ALA E 99 7.72 -14.51 4.68
C ALA E 99 8.42 -13.40 3.92
N TYR E 100 8.86 -12.37 4.64
CA TYR E 100 9.58 -11.26 4.01
C TYR E 100 10.88 -11.74 3.38
N LEU E 101 11.65 -12.56 4.11
CA LEU E 101 12.88 -13.11 3.56
C LEU E 101 12.64 -13.99 2.35
N VAL E 102 11.64 -14.87 2.39
CA VAL E 102 11.47 -15.80 1.27
C VAL E 102 10.93 -15.07 0.05
N GLY E 103 10.16 -13.99 0.27
CA GLY E 103 9.72 -13.18 -0.85
C GLY E 103 10.88 -12.49 -1.54
N LEU E 104 11.75 -11.84 -0.76
CA LEU E 104 12.92 -11.23 -1.37
C LEU E 104 13.89 -12.27 -1.92
N PHE E 105 13.87 -13.49 -1.39
CA PHE E 105 14.63 -14.58 -1.98
C PHE E 105 14.12 -14.97 -3.35
N GLU E 106 12.81 -15.07 -3.54
CA GLU E 106 12.34 -15.45 -4.87
C GLU E 106 12.55 -14.30 -5.86
N ASP E 107 12.48 -13.05 -5.38
CA ASP E 107 12.86 -11.95 -6.26
C ASP E 107 14.33 -12.01 -6.67
N THR E 108 15.24 -12.28 -5.73
CA THR E 108 16.65 -12.31 -6.14
C THR E 108 16.95 -13.56 -6.94
N ASN E 109 16.14 -14.61 -6.79
CA ASN E 109 16.27 -15.77 -7.66
C ASN E 109 15.93 -15.40 -9.10
N LEU E 110 14.83 -14.68 -9.29
CA LEU E 110 14.44 -14.21 -10.62
C LEU E 110 15.49 -13.27 -11.19
N ALA E 111 16.05 -12.41 -10.35
CA ALA E 111 17.09 -11.48 -10.80
C ALA E 111 18.34 -12.22 -11.23
N ALA E 112 18.76 -13.22 -10.45
CA ALA E 112 19.98 -13.96 -10.76
C ALA E 112 19.82 -14.76 -12.04
N ILE E 113 18.64 -15.33 -12.27
CA ILE E 113 18.36 -15.96 -13.56
C ILE E 113 18.39 -14.91 -14.67
N HIS E 114 17.85 -13.72 -14.41
CA HIS E 114 17.81 -12.67 -15.41
C HIS E 114 19.21 -12.19 -15.78
N ALA E 115 20.14 -12.30 -14.84
CA ALA E 115 21.55 -12.01 -15.13
C ALA E 115 22.28 -13.22 -15.69
N LYS E 116 21.56 -14.21 -16.22
CA LYS E 116 22.11 -15.39 -16.88
C LYS E 116 22.97 -16.24 -15.95
N ARG E 117 22.73 -16.15 -14.65
CA ARG E 117 23.46 -16.92 -13.65
C ARG E 117 22.48 -17.78 -12.86
N VAL E 118 23.04 -18.63 -12.02
CA VAL E 118 22.23 -19.44 -11.09
C VAL E 118 22.53 -19.14 -9.64
N THR E 119 23.63 -18.47 -9.31
CA THR E 119 24.00 -18.19 -7.93
C THR E 119 23.63 -16.76 -7.59
N ILE E 120 22.97 -16.58 -6.45
CA ILE E 120 22.65 -15.24 -5.98
C ILE E 120 23.86 -14.65 -5.28
N MET E 121 24.05 -13.35 -5.45
CA MET E 121 25.13 -12.58 -4.85
C MET E 121 24.53 -11.30 -4.27
N PRO E 122 25.22 -10.66 -3.32
CA PRO E 122 24.59 -9.51 -2.64
C PRO E 122 24.23 -8.33 -3.53
N LYS E 123 24.85 -8.19 -4.70
CA LYS E 123 24.36 -7.16 -5.62
C LYS E 123 23.00 -7.53 -6.21
N ASP E 124 22.72 -8.82 -6.36
CA ASP E 124 21.41 -9.25 -6.83
C ASP E 124 20.32 -8.86 -5.84
N ILE E 125 20.56 -9.10 -4.55
CA ILE E 125 19.56 -8.77 -3.54
C ILE E 125 19.53 -7.26 -3.31
N GLN E 126 20.65 -6.58 -3.53
CA GLN E 126 20.63 -5.12 -3.46
C GLN E 126 19.76 -4.54 -4.57
N LEU E 127 19.84 -5.14 -5.75
CA LEU E 127 18.94 -4.80 -6.85
C LEU E 127 17.49 -5.06 -6.46
N ALA E 128 17.24 -6.21 -5.84
CA ALA E 128 15.88 -6.58 -5.47
C ALA E 128 15.29 -5.59 -4.45
N ARG E 129 16.10 -5.20 -3.46
CA ARG E 129 15.64 -4.24 -2.47
C ARG E 129 15.42 -2.87 -3.10
N ARG E 130 16.26 -2.49 -4.07
CA ARG E 130 16.07 -1.18 -4.69
C ARG E 130 14.84 -1.17 -5.59
N ILE E 131 14.55 -2.29 -6.27
CA ILE E 131 13.37 -2.36 -7.12
C ILE E 131 12.10 -2.36 -6.28
N ARG E 132 12.09 -3.12 -5.17
CA ARG E 132 10.88 -3.21 -4.36
C ARG E 132 10.51 -1.88 -3.71
N GLY E 133 11.50 -1.05 -3.37
CA GLY E 133 11.17 0.26 -2.85
C GLY E 133 11.45 0.48 -1.38
N GLU E 134 12.59 0.02 -0.87
CA GLU E 134 13.01 0.33 0.49
C GLU E 134 14.35 1.07 0.50
N LYS F 21 21.73 -9.90 31.97
CA LYS F 21 20.54 -9.09 31.78
C LYS F 21 20.50 -8.49 30.37
N VAL F 22 21.62 -7.96 29.93
CA VAL F 22 21.71 -7.40 28.59
C VAL F 22 22.20 -8.46 27.60
N LEU F 23 21.89 -8.23 26.33
CA LEU F 23 22.34 -9.10 25.24
C LEU F 23 23.01 -8.24 24.19
N ARG F 24 24.09 -8.74 23.62
CA ARG F 24 24.89 -7.90 22.73
C ARG F 24 25.04 -8.46 21.33
N ASP F 25 24.98 -9.78 21.16
CA ASP F 25 25.16 -10.39 19.84
C ASP F 25 24.23 -11.60 19.75
N ASN F 26 23.07 -11.42 19.12
CA ASN F 26 22.21 -12.53 18.74
C ASN F 26 21.92 -12.55 17.25
N ILE F 27 22.49 -11.64 16.46
CA ILE F 27 22.32 -11.68 15.02
C ILE F 27 23.03 -12.89 14.43
N GLN F 28 24.08 -13.39 15.11
CA GLN F 28 24.73 -14.61 14.68
C GLN F 28 23.89 -15.85 14.99
N GLY F 29 22.84 -15.72 15.81
CA GLY F 29 21.93 -16.81 16.06
C GLY F 29 21.10 -17.21 14.85
N ILE F 30 20.94 -16.32 13.88
CA ILE F 30 20.34 -16.68 12.59
C ILE F 30 21.45 -17.33 11.79
N THR F 31 21.55 -18.65 11.93
CA THR F 31 22.69 -19.38 11.43
C THR F 31 22.64 -19.49 9.91
N LYS F 32 23.80 -19.84 9.34
CA LYS F 32 23.90 -20.12 7.91
C LYS F 32 22.97 -21.23 7.42
N PRO F 33 22.82 -22.40 8.07
CA PRO F 33 21.85 -23.38 7.56
C PRO F 33 20.40 -22.91 7.59
N ALA F 34 20.02 -22.05 8.53
CA ALA F 34 18.65 -21.53 8.53
C ALA F 34 18.40 -20.64 7.32
N ILE F 35 19.38 -19.81 6.99
CA ILE F 35 19.31 -18.99 5.77
C ILE F 35 19.30 -19.90 4.54
N ARG F 36 20.05 -20.99 4.58
CA ARG F 36 20.05 -21.94 3.47
C ARG F 36 18.67 -22.58 3.31
N ARG F 37 18.03 -22.95 4.41
CA ARG F 37 16.69 -23.52 4.36
C ARG F 37 15.67 -22.52 3.81
N LEU F 38 15.80 -21.25 4.23
CA LEU F 38 14.91 -20.22 3.71
C LEU F 38 15.12 -20.02 2.21
N ALA F 39 16.37 -20.08 1.75
CA ALA F 39 16.65 -19.94 0.33
C ALA F 39 16.17 -21.15 -0.46
N ARG F 40 16.21 -22.34 0.15
CA ARG F 40 15.62 -23.51 -0.49
C ARG F 40 14.11 -23.34 -0.62
N ARG F 41 13.48 -22.75 0.40
CA ARG F 41 12.06 -22.40 0.27
C ARG F 41 11.87 -21.32 -0.77
N GLY F 42 12.86 -20.44 -0.94
CA GLY F 42 12.83 -19.53 -2.07
C GLY F 42 13.24 -20.14 -3.39
N GLY F 43 13.71 -21.39 -3.39
CA GLY F 43 14.09 -22.05 -4.62
C GLY F 43 15.49 -21.80 -5.11
N VAL F 44 16.33 -21.18 -4.30
CA VAL F 44 17.72 -20.93 -4.67
C VAL F 44 18.51 -22.21 -4.44
N LYS F 45 19.16 -22.70 -5.48
CA LYS F 45 19.94 -23.93 -5.33
C LYS F 45 21.41 -23.67 -5.06
N ARG F 46 21.90 -22.46 -5.37
CA ARG F 46 23.30 -22.13 -5.17
C ARG F 46 23.42 -20.75 -4.52
N ILE F 47 24.09 -20.69 -3.38
CA ILE F 47 24.15 -19.49 -2.55
C ILE F 47 25.61 -19.10 -2.42
N SER F 48 25.94 -17.85 -2.70
CA SER F 48 27.30 -17.39 -2.47
C SER F 48 27.56 -17.23 -0.97
N GLY F 49 28.84 -17.19 -0.62
CA GLY F 49 29.22 -17.07 0.78
C GLY F 49 28.98 -15.69 1.36
N LEU F 50 28.84 -14.67 0.52
CA LEU F 50 28.66 -13.31 0.98
C LEU F 50 27.22 -12.97 1.33
N ILE F 51 26.31 -13.93 1.14
CA ILE F 51 24.88 -13.68 1.31
C ILE F 51 24.50 -13.52 2.78
N TYR F 52 25.12 -14.30 3.67
CA TYR F 52 24.56 -14.54 5.00
C TYR F 52 24.56 -13.27 5.85
N GLU F 53 25.66 -12.52 5.84
CA GLU F 53 25.75 -11.34 6.70
C GLU F 53 24.84 -10.22 6.21
N GLU F 54 24.68 -10.07 4.90
CA GLU F 54 23.80 -9.01 4.41
C GLU F 54 22.33 -9.40 4.57
N THR F 55 22.02 -10.70 4.51
CA THR F 55 20.67 -11.11 4.88
C THR F 55 20.40 -10.88 6.36
N ARG F 56 21.42 -11.08 7.20
CA ARG F 56 21.30 -10.70 8.60
C ARG F 56 21.05 -9.20 8.73
N GLY F 57 21.71 -8.40 7.89
CA GLY F 57 21.50 -6.96 7.93
C GLY F 57 20.09 -6.56 7.53
N VAL F 58 19.57 -7.13 6.44
CA VAL F 58 18.24 -6.74 5.97
C VAL F 58 17.17 -7.28 6.92
N LEU F 59 17.44 -8.43 7.55
CA LEU F 59 16.59 -8.90 8.63
C LEU F 59 16.59 -7.94 9.80
N LYS F 60 17.76 -7.43 10.17
CA LYS F 60 17.87 -6.47 11.25
C LYS F 60 17.08 -5.22 10.95
N VAL F 61 17.13 -4.75 9.70
CA VAL F 61 16.41 -3.55 9.29
C VAL F 61 14.91 -3.77 9.37
N PHE F 62 14.43 -4.89 8.82
CA PHE F 62 13.00 -5.19 8.85
C PHE F 62 12.50 -5.36 10.28
N LEU F 63 13.27 -6.06 11.12
CA LEU F 63 12.86 -6.25 12.50
C LEU F 63 12.79 -4.92 13.24
N GLU F 64 13.76 -4.02 13.04
CA GLU F 64 13.68 -2.71 13.66
C GLU F 64 12.43 -1.96 13.20
N ASN F 65 12.16 -2.02 11.90
CA ASN F 65 11.03 -1.28 11.33
C ASN F 65 9.72 -1.77 11.90
N VAL F 66 9.59 -3.07 12.13
CA VAL F 66 8.31 -3.58 12.61
C VAL F 66 8.19 -3.42 14.13
N ILE F 67 9.27 -3.65 14.88
CA ILE F 67 9.07 -3.70 16.32
C ILE F 67 9.03 -2.29 16.88
N ARG F 68 9.59 -1.31 16.18
CA ARG F 68 9.46 0.08 16.63
C ARG F 68 8.00 0.50 16.64
N ASP F 69 7.28 0.17 15.57
CA ASP F 69 5.86 0.42 15.51
C ASP F 69 5.12 -0.43 16.54
N ALA F 70 5.59 -1.66 16.75
CA ALA F 70 4.95 -2.55 17.72
C ALA F 70 5.06 -2.00 19.13
N VAL F 71 6.24 -1.56 19.53
CA VAL F 71 6.40 -1.03 20.89
C VAL F 71 5.73 0.32 20.99
N THR F 72 5.59 1.04 19.88
CA THR F 72 4.82 2.29 19.91
C THR F 72 3.35 2.01 20.21
N TYR F 73 2.79 1.01 19.53
CA TYR F 73 1.44 0.53 19.81
C TYR F 73 1.32 0.10 21.27
N THR F 74 2.34 -0.58 21.77
CA THR F 74 2.31 -1.08 23.14
C THR F 74 2.32 0.06 24.15
N GLU F 75 3.22 1.02 23.98
CA GLU F 75 3.37 2.06 24.99
C GLU F 75 2.21 3.03 24.94
N HIS F 76 1.56 3.16 23.78
CA HIS F 76 0.33 3.94 23.78
C HIS F 76 -0.76 3.20 24.56
N ALA F 77 -0.75 1.88 24.52
CA ALA F 77 -1.70 1.11 25.30
C ALA F 77 -1.37 1.07 26.79
N LYS F 78 -0.26 1.72 27.20
CA LYS F 78 0.21 1.78 28.59
C LYS F 78 0.48 0.40 29.15
N ARG F 79 0.90 -0.53 28.29
CA ARG F 79 1.23 -1.87 28.70
C ARG F 79 2.74 -2.04 28.73
N LYS F 80 3.18 -3.00 29.54
CA LYS F 80 4.60 -3.34 29.61
C LYS F 80 4.88 -4.59 28.80
N THR F 81 3.83 -5.30 28.39
CA THR F 81 3.92 -6.49 27.56
C THR F 81 3.24 -6.19 26.23
N VAL F 82 3.89 -6.56 25.14
CA VAL F 82 3.31 -6.39 23.82
C VAL F 82 2.20 -7.42 23.63
N THR F 83 1.23 -7.09 22.78
CA THR F 83 0.26 -8.07 22.33
C THR F 83 0.59 -8.51 20.92
N ALA F 84 0.11 -9.70 20.56
CA ALA F 84 0.19 -10.15 19.17
C ALA F 84 -0.66 -9.28 18.27
N MET F 85 -1.73 -8.70 18.83
CA MET F 85 -2.56 -7.74 18.10
C MET F 85 -1.72 -6.57 17.60
N ASP F 86 -0.82 -6.07 18.44
CA ASP F 86 0.04 -4.97 18.05
C ASP F 86 0.98 -5.38 16.93
N VAL F 87 1.48 -6.60 16.96
CA VAL F 87 2.35 -7.09 15.89
C VAL F 87 1.59 -7.17 14.59
N VAL F 88 0.34 -7.65 14.64
CA VAL F 88 -0.50 -7.69 13.46
C VAL F 88 -0.75 -6.29 12.92
N TYR F 89 -0.98 -5.33 13.82
CA TYR F 89 -1.21 -3.95 13.37
C TYR F 89 0.05 -3.37 12.74
N ALA F 90 1.22 -3.70 13.28
CA ALA F 90 2.47 -3.20 12.72
C ALA F 90 2.71 -3.77 11.34
N LEU F 91 2.39 -5.05 11.14
CA LEU F 91 2.57 -5.63 9.81
C LEU F 91 1.53 -5.12 8.82
N LYS F 92 0.28 -4.89 9.26
CA LYS F 92 -0.72 -4.45 8.30
C LYS F 92 -0.52 -2.99 7.93
N ARG F 93 0.09 -2.21 8.82
CA ARG F 93 0.43 -0.83 8.44
C ARG F 93 1.56 -0.83 7.43
N GLN F 94 2.49 -1.77 7.54
CA GLN F 94 3.67 -1.80 6.71
C GLN F 94 3.40 -2.46 5.35
N GLY F 95 2.18 -2.94 5.13
CA GLY F 95 1.84 -3.55 3.87
C GLY F 95 2.21 -5.01 3.75
N ARG F 96 2.40 -5.69 4.88
CA ARG F 96 2.68 -7.12 4.94
C ARG F 96 1.78 -7.78 5.95
N THR F 97 0.48 -7.50 5.83
CA THR F 97 -0.53 -7.96 6.79
C THR F 97 -0.55 -9.47 6.94
N LEU F 98 -0.77 -9.92 8.17
CA LEU F 98 -0.60 -11.31 8.54
C LEU F 98 -1.94 -11.93 8.87
N TYR F 99 -2.21 -13.07 8.27
CA TYR F 99 -3.37 -13.88 8.60
C TYR F 99 -2.95 -15.02 9.51
N GLY F 100 -3.83 -15.37 10.45
CA GLY F 100 -3.61 -16.53 11.31
C GLY F 100 -3.37 -16.23 12.76
N PHE F 101 -3.38 -14.96 13.17
CA PHE F 101 -3.16 -14.62 14.57
C PHE F 101 -4.16 -13.62 15.11
N GLY F 102 -4.98 -13.02 14.24
CA GLY F 102 -5.99 -12.11 14.70
C GLY F 102 -7.06 -12.81 15.52
N GLY F 103 -7.51 -12.13 16.57
CA GLY F 103 -8.47 -12.70 17.49
C GLY F 103 -7.80 -13.37 18.67
N ALA G 28 -19.95 42.25 28.73
CA ALA G 28 -21.10 41.35 28.55
C ALA G 28 -20.65 40.03 27.94
N ARG G 29 -19.66 40.10 27.06
CA ARG G 29 -19.15 38.91 26.39
C ARG G 29 -17.66 39.11 26.14
N ALA G 30 -16.91 38.01 26.16
CA ALA G 30 -15.48 38.06 25.89
C ALA G 30 -15.23 38.45 24.44
N LYS G 31 -14.14 39.19 24.21
CA LYS G 31 -13.79 39.61 22.86
C LYS G 31 -13.31 38.40 22.07
N ALA G 32 -13.62 38.40 20.77
CA ALA G 32 -13.36 37.23 19.94
C ALA G 32 -11.87 37.08 19.67
N LYS G 33 -11.32 35.93 20.03
CA LYS G 33 -9.89 35.68 19.95
C LYS G 33 -9.71 34.21 19.65
N THR G 34 -9.05 33.90 18.54
CA THR G 34 -9.14 32.55 17.97
C THR G 34 -8.24 31.57 18.71
N ARG G 35 -8.53 30.28 18.50
CA ARG G 35 -7.77 29.22 19.14
C ARG G 35 -6.41 29.01 18.48
N SER G 36 -6.27 29.37 17.21
CA SER G 36 -4.97 29.26 16.55
C SER G 36 -3.99 30.24 17.17
N SER G 37 -4.46 31.43 17.52
CA SER G 37 -3.65 32.39 18.26
C SER G 37 -3.34 31.88 19.66
N ARG G 38 -4.29 31.17 20.27
CA ARG G 38 -4.02 30.54 21.57
C ARG G 38 -2.90 29.51 21.45
N ALA G 39 -2.91 28.74 20.37
CA ALA G 39 -1.78 27.89 20.06
C ALA G 39 -0.58 28.69 19.56
N GLY G 40 -0.81 29.88 19.01
CA GLY G 40 0.26 30.60 18.35
C GLY G 40 0.66 29.98 17.04
N LEU G 41 -0.24 29.26 16.38
CA LEU G 41 0.03 28.62 15.11
C LEU G 41 -0.86 29.23 14.04
N GLN G 42 -0.40 29.14 12.80
CA GLN G 42 -1.12 29.75 11.69
C GLN G 42 -2.21 28.85 11.12
N PHE G 43 -2.03 27.53 11.18
CA PHE G 43 -3.05 26.63 10.71
C PHE G 43 -4.29 26.69 11.61
N PRO G 44 -5.48 26.61 11.01
CA PRO G 44 -6.72 26.84 11.76
C PRO G 44 -7.03 25.69 12.71
N VAL G 45 -7.14 26.01 14.00
CA VAL G 45 -7.60 25.03 14.96
C VAL G 45 -9.06 24.66 14.71
N GLY G 46 -9.90 25.67 14.45
CA GLY G 46 -11.32 25.42 14.29
C GLY G 46 -11.65 24.60 13.06
N ARG G 47 -10.98 24.89 11.94
CA ARG G 47 -11.25 24.16 10.70
C ARG G 47 -10.83 22.70 10.81
N VAL G 48 -9.66 22.43 11.37
CA VAL G 48 -9.20 21.05 11.53
C VAL G 48 -10.07 20.31 12.54
N HIS G 49 -10.50 21.02 13.59
CA HIS G 49 -11.42 20.46 14.57
C HIS G 49 -12.74 20.06 13.92
N ARG G 50 -13.29 20.94 13.07
CA ARG G 50 -14.53 20.64 12.38
C ARG G 50 -14.37 19.50 11.39
N LEU G 51 -13.23 19.46 10.68
CA LEU G 51 -12.98 18.37 9.74
C LEU G 51 -12.87 17.04 10.45
N LEU G 52 -12.23 17.01 11.61
CA LEU G 52 -12.15 15.76 12.35
C LEU G 52 -13.51 15.37 12.93
N ARG G 53 -14.32 16.35 13.33
CA ARG G 53 -15.65 16.04 13.83
C ARG G 53 -16.53 15.45 12.73
N LYS G 54 -16.46 15.97 11.52
CA LYS G 54 -17.19 15.39 10.41
C LYS G 54 -16.36 14.44 9.55
N GLY G 55 -15.12 14.15 9.93
CA GLY G 55 -14.39 13.11 9.25
C GLY G 55 -14.66 11.72 9.76
N ASN G 56 -15.45 11.60 10.84
CA ASN G 56 -15.91 10.34 11.41
C ASN G 56 -14.75 9.42 11.77
N TYR G 57 -13.81 9.93 12.56
CA TYR G 57 -12.69 9.14 13.04
C TYR G 57 -12.88 8.71 14.49
N SER G 58 -13.66 9.47 15.25
CA SER G 58 -14.10 9.06 16.57
C SER G 58 -15.43 9.73 16.84
N GLU G 59 -16.18 9.19 17.79
CA GLU G 59 -17.44 9.81 18.16
C GLU G 59 -17.22 11.09 18.94
N ARG G 60 -16.16 11.16 19.74
CA ARG G 60 -15.83 12.37 20.48
C ARG G 60 -14.38 12.74 20.20
N VAL G 61 -14.07 14.02 20.38
CA VAL G 61 -12.77 14.58 20.03
C VAL G 61 -12.22 15.35 21.22
N GLY G 62 -10.95 15.11 21.53
CA GLY G 62 -10.28 15.90 22.55
C GLY G 62 -9.94 17.29 22.06
N ALA G 63 -9.78 18.20 23.01
CA ALA G 63 -9.54 19.60 22.65
C ALA G 63 -8.13 19.79 22.11
N GLY G 64 -7.14 19.17 22.74
CA GLY G 64 -5.76 19.39 22.34
C GLY G 64 -5.32 18.64 21.10
N ALA G 65 -6.06 17.61 20.71
CA ALA G 65 -5.68 16.81 19.54
C ALA G 65 -5.64 17.60 18.23
N PRO G 66 -6.67 18.40 17.86
CA PRO G 66 -6.50 19.19 16.63
C PRO G 66 -5.44 20.24 16.74
N VAL G 67 -5.17 20.74 17.95
CA VAL G 67 -4.07 21.69 18.14
C VAL G 67 -2.74 21.01 17.82
N TYR G 68 -2.56 19.80 18.33
CA TYR G 68 -1.35 19.03 18.05
C TYR G 68 -1.23 18.73 16.57
N LEU G 69 -2.35 18.37 15.94
CA LEU G 69 -2.35 18.03 14.52
C LEU G 69 -2.02 19.23 13.67
N ALA G 70 -2.57 20.39 14.00
CA ALA G 70 -2.23 21.62 13.28
C ALA G 70 -0.77 21.97 13.47
N ALA G 71 -0.24 21.72 14.67
CA ALA G 71 1.16 22.02 14.94
C ALA G 71 2.08 21.15 14.08
N VAL G 72 1.82 19.85 14.02
CA VAL G 72 2.71 18.97 13.25
C VAL G 72 2.55 19.25 11.75
N LEU G 73 1.34 19.56 11.30
CA LEU G 73 1.15 19.96 9.91
C LEU G 73 1.93 21.23 9.59
N GLU G 74 1.91 22.21 10.50
CA GLU G 74 2.58 23.47 10.20
C GLU G 74 4.09 23.30 10.24
N TYR G 75 4.60 22.41 11.08
CA TYR G 75 6.03 22.13 11.07
C TYR G 75 6.46 21.46 9.76
N LEU G 76 5.68 20.48 9.30
CA LEU G 76 6.00 19.80 8.05
C LEU G 76 5.95 20.76 6.87
N THR G 77 4.87 21.53 6.76
CA THR G 77 4.78 22.52 5.69
C THR G 77 5.86 23.57 5.79
N ALA G 78 6.24 23.93 7.02
CA ALA G 78 7.32 24.90 7.20
C ALA G 78 8.61 24.38 6.60
N GLU G 79 9.02 23.17 7.00
CA GLU G 79 10.33 22.68 6.58
C GLU G 79 10.35 22.38 5.09
N ILE G 80 9.22 21.93 4.53
CA ILE G 80 9.21 21.72 3.09
C ILE G 80 9.19 23.08 2.37
N LEU G 81 8.73 24.14 3.05
CA LEU G 81 8.84 25.45 2.42
C LEU G 81 10.26 25.99 2.44
N GLU G 82 11.05 25.79 3.51
CA GLU G 82 12.45 26.21 3.37
C GLU G 82 13.18 25.38 2.33
N LEU G 83 12.86 24.08 2.25
CA LEU G 83 13.48 23.25 1.23
C LEU G 83 13.14 23.73 -0.18
N ALA G 84 11.87 24.08 -0.40
CA ALA G 84 11.48 24.65 -1.68
C ALA G 84 12.13 26.01 -1.91
N GLY G 85 12.25 26.82 -0.86
CA GLY G 85 12.79 28.16 -1.01
C GLY G 85 14.25 28.17 -1.39
N ASN G 86 15.07 27.37 -0.72
CA ASN G 86 16.49 27.37 -1.07
C ASN G 86 16.75 26.60 -2.36
N ALA G 87 15.92 25.59 -2.67
CA ALA G 87 16.03 24.96 -3.98
C ALA G 87 15.68 25.93 -5.10
N ALA G 88 14.68 26.78 -4.87
CA ALA G 88 14.32 27.80 -5.85
C ALA G 88 15.41 28.85 -5.96
N ARG G 89 16.00 29.23 -4.82
CA ARG G 89 17.04 30.23 -4.80
C ARG G 89 18.29 29.74 -5.53
N ASP G 90 18.53 28.43 -5.49
CA ASP G 90 19.59 27.85 -6.31
C ASP G 90 19.29 27.99 -7.80
N ASN G 91 18.01 28.01 -8.18
CA ASN G 91 17.63 28.27 -9.55
C ASN G 91 17.35 29.74 -9.83
N LYS G 92 17.58 30.61 -8.83
CA LYS G 92 17.43 32.06 -8.96
C LYS G 92 16.02 32.47 -9.38
N LYS G 93 15.01 31.77 -8.87
CA LYS G 93 13.62 32.13 -9.09
C LYS G 93 12.96 32.40 -7.75
N THR G 94 12.29 33.53 -7.63
CA THR G 94 11.71 33.89 -6.34
C THR G 94 10.40 33.16 -6.06
N ARG G 95 9.80 32.54 -7.06
CA ARG G 95 8.55 31.82 -6.88
C ARG G 95 8.81 30.33 -7.01
N ILE G 96 8.23 29.56 -6.09
CA ILE G 96 8.53 28.13 -6.04
C ILE G 96 7.84 27.41 -7.19
N ILE G 97 8.45 26.34 -7.65
CA ILE G 97 8.03 25.60 -8.83
C ILE G 97 7.74 24.16 -8.38
N PRO G 98 6.81 23.46 -9.03
CA PRO G 98 6.69 22.01 -8.78
C PRO G 98 7.96 21.24 -9.05
N ARG G 99 8.79 21.69 -10.00
CA ARG G 99 10.11 21.11 -10.15
C ARG G 99 10.95 21.31 -8.89
N HIS G 100 10.88 22.50 -8.29
CA HIS G 100 11.58 22.74 -7.04
C HIS G 100 11.04 21.87 -5.91
N LEU G 101 9.72 21.66 -5.88
CA LEU G 101 9.12 20.80 -4.86
C LEU G 101 9.60 19.37 -5.01
N GLN G 102 9.68 18.88 -6.26
CA GLN G 102 10.15 17.53 -6.50
C GLN G 102 11.63 17.39 -6.14
N LEU G 103 12.42 18.42 -6.46
CA LEU G 103 13.83 18.40 -6.09
C LEU G 103 13.99 18.41 -4.57
N ALA G 104 13.12 19.12 -3.87
CA ALA G 104 13.18 19.14 -2.42
C ALA G 104 12.83 17.78 -1.83
N ILE G 105 11.76 17.16 -2.31
CA ILE G 105 11.30 15.92 -1.67
C ILE G 105 12.22 14.75 -2.03
N ARG G 106 12.81 14.76 -3.23
CA ARG G 106 13.63 13.62 -3.61
C ARG G 106 15.04 13.70 -3.04
N ASN G 107 15.51 14.90 -2.69
CA ASN G 107 16.84 15.01 -2.12
C ASN G 107 16.86 14.91 -0.60
N ASP G 108 15.72 14.70 0.04
CA ASP G 108 15.65 14.40 1.46
C ASP G 108 15.28 12.94 1.65
N GLU G 109 16.04 12.23 2.47
CA GLU G 109 15.81 10.81 2.65
C GLU G 109 14.51 10.54 3.41
N GLU G 110 14.31 11.24 4.53
CA GLU G 110 13.12 10.97 5.34
C GLU G 110 11.84 11.46 4.66
N LEU G 111 11.92 12.56 3.90
CA LEU G 111 10.73 12.97 3.16
C LEU G 111 10.45 12.02 1.99
N ASN G 112 11.49 11.43 1.42
CA ASN G 112 11.30 10.42 0.39
C ASN G 112 10.61 9.20 1.01
N LYS G 113 11.02 8.82 2.21
CA LYS G 113 10.36 7.73 2.92
C LYS G 113 8.92 8.09 3.26
N LEU G 114 8.66 9.36 3.55
CA LEU G 114 7.29 9.82 3.72
C LEU G 114 6.52 9.79 2.41
N LEU G 115 7.17 10.18 1.32
CA LEU G 115 6.51 10.43 0.04
C LEU G 115 7.02 9.54 -1.08
N GLY G 116 7.20 8.25 -0.78
CA GLY G 116 7.72 7.34 -1.79
C GLY G 116 6.73 7.07 -2.92
N ARG G 117 5.47 6.89 -2.58
CA ARG G 117 4.47 6.40 -3.53
C ARG G 117 3.58 7.51 -4.07
N VAL G 118 4.02 8.77 -3.98
CA VAL G 118 3.29 9.89 -4.55
C VAL G 118 4.16 10.54 -5.62
N THR G 119 3.54 10.99 -6.70
CA THR G 119 4.23 11.71 -7.76
C THR G 119 3.63 13.11 -7.89
N ILE G 120 4.50 14.10 -8.06
CA ILE G 120 4.11 15.51 -8.15
C ILE G 120 3.85 15.83 -9.61
N ALA G 121 2.76 16.55 -9.89
CA ALA G 121 2.46 16.99 -11.24
C ALA G 121 3.52 17.96 -11.74
N GLN G 122 4.02 17.69 -12.95
CA GLN G 122 5.18 18.38 -13.53
C GLN G 122 6.40 18.30 -12.62
N GLY G 123 6.57 17.18 -11.92
CA GLY G 123 7.66 17.04 -10.98
C GLY G 123 8.98 16.69 -11.63
N GLY G 124 8.92 15.86 -12.66
CA GLY G 124 10.16 15.43 -13.26
C GLY G 124 10.90 14.43 -12.40
N VAL G 125 12.18 14.28 -12.70
CA VAL G 125 13.03 13.28 -12.07
C VAL G 125 14.32 13.98 -11.65
N LEU G 126 15.01 13.37 -10.69
CA LEU G 126 16.31 13.88 -10.28
C LEU G 126 17.30 13.79 -11.44
N PRO G 127 18.26 14.71 -11.53
CA PRO G 127 19.34 14.55 -12.50
C PRO G 127 20.21 13.38 -12.08
N ASN G 128 20.08 12.28 -12.81
CA ASN G 128 20.70 11.03 -12.37
C ASN G 128 21.05 10.21 -13.59
N ILE G 129 22.35 9.97 -13.78
CA ILE G 129 22.85 9.08 -14.83
C ILE G 129 23.63 7.97 -14.14
N GLN G 130 23.50 6.75 -14.65
CA GLN G 130 24.29 5.66 -14.12
C GLN G 130 25.74 5.81 -14.57
N ALA G 131 26.66 5.41 -13.69
CA ALA G 131 28.08 5.62 -13.95
C ALA G 131 28.58 4.82 -15.14
N VAL G 132 28.01 3.63 -15.36
CA VAL G 132 28.40 2.82 -16.50
C VAL G 132 27.90 3.43 -17.82
N LEU G 133 26.89 4.29 -17.76
CA LEU G 133 26.39 4.93 -18.96
C LEU G 133 27.28 6.06 -19.45
N LEU G 134 28.14 6.59 -18.59
CA LEU G 134 29.07 7.62 -19.00
C LEU G 134 30.20 7.02 -19.84
N PRO G 135 30.77 7.80 -20.74
CA PRO G 135 31.88 7.28 -21.56
C PRO G 135 33.13 7.02 -20.74
N LYS G 136 34.05 6.27 -21.34
CA LYS G 136 35.28 5.78 -20.71
C LYS G 136 34.99 4.99 -19.44
N LYS H 31 -23.75 34.27 -8.66
CA LYS H 31 -23.88 33.57 -7.39
C LYS H 31 -23.10 32.27 -7.41
N ARG H 32 -22.29 32.04 -6.37
CA ARG H 32 -21.37 30.92 -6.33
C ARG H 32 -21.40 30.28 -4.95
N SER H 33 -20.81 29.09 -4.87
CA SER H 33 -20.60 28.38 -3.61
C SER H 33 -19.10 28.15 -3.41
N ARG H 34 -18.64 28.28 -2.17
CA ARG H 34 -17.20 28.23 -1.89
C ARG H 34 -16.66 26.82 -2.05
N LYS H 35 -15.38 26.74 -2.40
CA LYS H 35 -14.55 25.57 -2.16
C LYS H 35 -13.40 26.00 -1.27
N GLU H 36 -13.26 25.35 -0.11
CA GLU H 36 -12.25 25.78 0.85
C GLU H 36 -10.87 25.30 0.42
N SER H 37 -9.85 25.93 0.96
CA SER H 37 -8.48 25.64 0.57
C SER H 37 -7.54 26.05 1.69
N TYR H 38 -6.27 25.70 1.52
CA TYR H 38 -5.23 26.05 2.47
C TYR H 38 -4.25 27.07 1.92
N SER H 39 -4.64 27.81 0.88
CA SER H 39 -3.71 28.72 0.21
C SER H 39 -3.31 29.87 1.12
N VAL H 40 -4.25 30.39 1.91
CA VAL H 40 -3.96 31.52 2.77
C VAL H 40 -2.96 31.12 3.86
N TYR H 41 -3.11 29.94 4.47
CA TYR H 41 -2.26 29.58 5.59
C TYR H 41 -0.86 29.25 5.13
N VAL H 42 -0.76 28.51 4.02
CA VAL H 42 0.55 28.17 3.48
C VAL H 42 1.25 29.42 2.97
N TYR H 43 0.48 30.36 2.41
CA TYR H 43 1.06 31.63 2.00
C TYR H 43 1.61 32.41 3.21
N LYS H 44 0.85 32.44 4.31
CA LYS H 44 1.34 33.11 5.52
C LYS H 44 2.61 32.45 6.05
N VAL H 45 2.60 31.12 6.23
CA VAL H 45 3.76 30.46 6.83
C VAL H 45 4.96 30.55 5.89
N LEU H 46 4.70 30.63 4.58
CA LEU H 46 5.75 30.95 3.63
C LEU H 46 6.34 32.33 3.91
N LYS H 47 5.48 33.30 4.23
CA LYS H 47 6.00 34.63 4.58
C LYS H 47 6.80 34.65 5.87
N GLN H 48 6.40 33.91 6.92
CA GLN H 48 7.29 33.90 8.08
C GLN H 48 8.59 33.14 7.80
N VAL H 49 8.55 32.10 6.97
CA VAL H 49 9.81 31.39 6.77
C VAL H 49 10.64 32.11 5.71
N HIS H 50 9.99 32.84 4.80
CA HIS H 50 10.68 33.54 3.71
C HIS H 50 9.82 34.72 3.28
N PRO H 51 10.08 35.91 3.81
CA PRO H 51 9.30 37.10 3.39
C PRO H 51 9.47 37.43 1.91
N ASP H 52 10.58 37.06 1.31
CA ASP H 52 10.96 37.54 -0.01
C ASP H 52 10.71 36.54 -1.14
N THR H 53 10.05 35.42 -0.89
CA THR H 53 9.85 34.42 -1.92
C THR H 53 8.39 34.34 -2.34
N GLY H 54 8.17 33.99 -3.61
CA GLY H 54 6.85 33.84 -4.16
C GLY H 54 6.39 32.39 -4.21
N ILE H 55 5.28 32.18 -4.91
CA ILE H 55 4.65 30.88 -5.04
C ILE H 55 3.87 30.84 -6.35
N SER H 56 3.88 29.69 -7.00
CA SER H 56 2.96 29.47 -8.11
C SER H 56 1.70 28.78 -7.61
N SER H 57 0.58 29.01 -8.31
CA SER H 57 -0.71 28.50 -7.83
C SER H 57 -0.80 27.00 -7.97
N LYS H 58 -0.20 26.43 -9.01
CA LYS H 58 -0.21 24.98 -9.15
C LYS H 58 0.66 24.31 -8.09
N ALA H 59 1.74 24.98 -7.66
CA ALA H 59 2.48 24.50 -6.50
C ALA H 59 1.64 24.60 -5.24
N MET H 60 0.76 25.59 -5.17
CA MET H 60 -0.13 25.67 -4.02
C MET H 60 -1.19 24.56 -4.08
N GLY H 61 -1.60 24.16 -5.28
CA GLY H 61 -2.46 22.99 -5.39
C GLY H 61 -1.76 21.73 -4.93
N ILE H 62 -0.46 21.62 -5.23
CA ILE H 62 0.34 20.51 -4.72
C ILE H 62 0.40 20.52 -3.20
N MET H 63 0.59 21.71 -2.61
CA MET H 63 0.55 21.82 -1.15
C MET H 63 -0.82 21.51 -0.57
N ASN H 64 -1.89 21.89 -1.26
CA ASN H 64 -3.23 21.53 -0.81
C ASN H 64 -3.40 20.03 -0.74
N SER H 65 -2.97 19.34 -1.80
CA SER H 65 -3.03 17.88 -1.82
C SER H 65 -2.13 17.29 -0.75
N PHE H 66 -0.97 17.89 -0.52
CA PHE H 66 -0.05 17.45 0.52
C PHE H 66 -0.67 17.51 1.91
N VAL H 67 -1.24 18.66 2.26
CA VAL H 67 -1.77 18.82 3.61
C VAL H 67 -3.01 17.97 3.80
N ASN H 68 -3.87 17.88 2.78
CA ASN H 68 -5.04 17.02 2.90
C ASN H 68 -4.66 15.55 3.00
N ASP H 69 -3.62 15.13 2.26
CA ASP H 69 -3.19 13.74 2.29
C ASP H 69 -2.57 13.36 3.63
N ILE H 70 -1.69 14.21 4.16
CA ILE H 70 -1.09 13.93 5.45
C ILE H 70 -2.15 13.98 6.55
N PHE H 71 -3.08 14.94 6.46
CA PHE H 71 -4.14 15.05 7.44
C PHE H 71 -5.02 13.81 7.45
N GLU H 72 -5.35 13.29 6.27
CA GLU H 72 -6.20 12.09 6.22
C GLU H 72 -5.42 10.87 6.72
N ARG H 73 -4.11 10.80 6.44
CA ARG H 73 -3.32 9.69 6.96
C ARG H 73 -3.29 9.68 8.48
N ILE H 74 -2.98 10.84 9.09
CA ILE H 74 -2.95 10.93 10.55
C ILE H 74 -4.32 10.68 11.14
N ALA H 75 -5.37 11.19 10.50
CA ALA H 75 -6.72 11.02 11.02
C ALA H 75 -7.16 9.55 10.96
N GLY H 76 -6.87 8.86 9.86
CA GLY H 76 -7.23 7.45 9.76
C GLY H 76 -6.44 6.58 10.72
N GLU H 77 -5.14 6.85 10.85
CA GLU H 77 -4.32 6.11 11.82
C GLU H 77 -4.78 6.38 13.24
N ALA H 78 -5.19 7.63 13.52
CA ALA H 78 -5.73 7.97 14.82
C ALA H 78 -7.03 7.22 15.08
N SER H 79 -7.85 7.07 14.05
CA SER H 79 -9.08 6.30 14.19
C SER H 79 -8.77 4.85 14.50
N ARG H 80 -7.77 4.27 13.83
CA ARG H 80 -7.41 2.88 14.12
C ARG H 80 -6.85 2.71 15.53
N LEU H 81 -5.98 3.63 15.97
CA LEU H 81 -5.49 3.59 17.35
C LEU H 81 -6.61 3.76 18.37
N ALA H 82 -7.57 4.62 18.10
CA ALA H 82 -8.71 4.73 19.02
C ALA H 82 -9.54 3.47 19.00
N HIS H 83 -9.58 2.79 17.85
CA HIS H 83 -10.38 1.57 17.73
C HIS H 83 -9.73 0.40 18.46
N TYR H 84 -8.39 0.37 18.49
CA TYR H 84 -7.71 -0.79 19.04
C TYR H 84 -7.91 -0.91 20.54
N ASN H 85 -7.79 0.20 21.26
CA ASN H 85 -7.94 0.19 22.72
C ASN H 85 -9.35 0.53 23.16
N LYS H 86 -10.33 0.47 22.25
CA LYS H 86 -11.75 0.71 22.54
C LYS H 86 -11.99 2.10 23.09
N ARG H 87 -11.29 3.10 22.58
CA ARG H 87 -11.53 4.48 22.95
C ARG H 87 -12.42 5.15 21.92
N SER H 88 -13.53 5.74 22.38
CA SER H 88 -14.42 6.48 21.51
C SER H 88 -14.05 7.94 21.39
N THR H 89 -13.10 8.41 22.20
CA THR H 89 -12.64 9.78 22.17
C THR H 89 -11.26 9.80 21.53
N ILE H 90 -11.04 10.74 20.62
CA ILE H 90 -9.72 10.90 20.03
C ILE H 90 -8.97 11.97 20.83
N THR H 91 -7.76 11.65 21.26
CA THR H 91 -6.97 12.53 22.11
C THR H 91 -5.62 12.78 21.46
N SER H 92 -4.94 13.81 21.98
CA SER H 92 -3.65 14.19 21.45
C SER H 92 -2.59 13.13 21.66
N ARG H 93 -2.78 12.24 22.63
CA ARG H 93 -1.78 11.22 22.92
C ARG H 93 -1.63 10.24 21.76
N GLU H 94 -2.75 9.75 21.22
CA GLU H 94 -2.64 8.85 20.08
C GLU H 94 -2.34 9.60 18.79
N ILE H 95 -2.62 10.90 18.75
CA ILE H 95 -2.14 11.69 17.61
C ILE H 95 -0.62 11.69 17.61
N GLN H 96 -0.03 11.90 18.78
CA GLN H 96 1.41 11.86 18.98
C GLN H 96 1.97 10.48 18.68
N THR H 97 1.21 9.44 19.06
CA THR H 97 1.56 8.07 18.72
C THR H 97 1.60 7.87 17.21
N ALA H 98 0.61 8.41 16.50
CA ALA H 98 0.58 8.26 15.05
C ALA H 98 1.70 9.06 14.39
N VAL H 99 2.08 10.18 15.00
CA VAL H 99 3.22 10.94 14.48
C VAL H 99 4.50 10.13 14.57
N ARG H 100 4.72 9.43 15.68
CA ARG H 100 5.85 8.50 15.68
C ARG H 100 5.64 7.36 14.70
N LEU H 101 4.38 6.98 14.49
CA LEU H 101 4.09 5.81 13.68
C LEU H 101 4.43 6.04 12.21
N LEU H 102 4.06 7.20 11.66
CA LEU H 102 4.26 7.44 10.23
C LEU H 102 5.57 8.14 9.96
N LEU H 103 5.81 9.24 10.63
CA LEU H 103 6.98 10.05 10.35
C LEU H 103 8.23 9.36 10.87
N PRO H 104 9.26 9.20 10.05
CA PRO H 104 10.46 8.49 10.51
C PRO H 104 11.40 9.39 11.31
N GLY H 105 11.75 8.92 12.50
CA GLY H 105 12.88 9.42 13.27
C GLY H 105 12.95 10.90 13.58
N GLU H 106 13.86 11.58 12.87
CA GLU H 106 14.13 13.00 13.07
C GLU H 106 12.90 13.85 12.88
N LEU H 107 12.15 13.61 11.80
CA LEU H 107 10.89 14.31 11.58
C LEU H 107 9.92 14.06 12.72
N ALA H 108 9.88 12.81 13.19
CA ALA H 108 9.00 12.44 14.29
C ALA H 108 9.38 13.15 15.57
N LYS H 109 10.67 13.12 15.95
CA LYS H 109 11.04 13.69 17.24
C LYS H 109 10.88 15.20 17.27
N HIS H 110 11.28 15.88 16.19
CA HIS H 110 11.06 17.33 16.17
C HIS H 110 9.59 17.69 16.09
N ALA H 111 8.80 16.95 15.30
CA ALA H 111 7.38 17.23 15.20
C ALA H 111 6.69 17.02 16.53
N VAL H 112 7.06 15.96 17.26
CA VAL H 112 6.54 15.74 18.60
C VAL H 112 6.92 16.90 19.50
N SER H 113 8.14 17.43 19.34
CA SER H 113 8.58 18.57 20.14
C SER H 113 7.70 19.80 19.91
N GLU H 114 7.48 20.16 18.64
CA GLU H 114 6.69 21.38 18.38
C GLU H 114 5.24 21.19 18.80
N GLY H 115 4.68 20.01 18.55
CA GLY H 115 3.31 19.77 18.97
C GLY H 115 3.17 19.76 20.48
N THR H 116 4.17 19.25 21.18
CA THR H 116 4.16 19.24 22.63
C THR H 116 4.20 20.64 23.19
N LYS H 117 5.11 21.48 22.69
CA LYS H 117 5.16 22.84 23.21
C LYS H 117 3.91 23.62 22.83
N ALA H 118 3.36 23.33 21.64
CA ALA H 118 2.14 24.00 21.20
C ALA H 118 0.97 23.64 22.11
N VAL H 119 0.86 22.37 22.50
CA VAL H 119 -0.26 22.00 23.35
C VAL H 119 -0.02 22.50 24.77
N THR H 120 1.24 22.73 25.15
CA THR H 120 1.47 23.41 26.43
C THR H 120 0.95 24.84 26.42
N LYS H 121 1.22 25.59 25.34
CA LYS H 121 0.63 26.94 25.27
C LYS H 121 -0.89 26.88 25.21
N TYR H 122 -1.45 25.88 24.51
CA TYR H 122 -2.90 25.78 24.44
C TYR H 122 -3.49 25.42 25.80
N THR H 123 -2.75 24.63 26.58
CA THR H 123 -3.19 24.29 27.92
C THR H 123 -3.15 25.51 28.83
N SER H 124 -2.10 26.32 28.70
CA SER H 124 -2.02 27.55 29.47
C SER H 124 -3.02 28.60 29.01
N ALA H 125 -3.49 28.51 27.78
CA ALA H 125 -4.50 29.43 27.28
C ALA H 125 -5.87 29.08 27.86
#